data_9QFA
#
_entry.id   9QFA
#
_cell.length_a   1.00
_cell.length_b   1.00
_cell.length_c   1.00
_cell.angle_alpha   90.00
_cell.angle_beta   90.00
_cell.angle_gamma   90.00
#
_symmetry.space_group_name_H-M   'P 1'
#
_entity_poly.entity_id   1
_entity_poly.type   'polypeptide(L)'
_entity_poly.pdbx_seq_one_letter_code
;MAHHHHHHATADDSSAVSSDYARDNSYTKAAEDIDAQYAYSGNDLGVTYTKDATTFKVWSPTATGVKLNIFTKGSDDEQG
ASKVASYTLEKMLVDGEWNGVWTITLVGEWKDYYYTYSVTTTDTTHIGSDATKTYETQDVYSTATGVNGKRSMIVDLDET
DPEGWSNDSHVLLDKSTKSSVWELHIKDFSYDKASGVSDANRGKYLAFTENGTTLNGEGKVSTCIDYLKELGVTTVQLNP
FYDFQSVNEAGDDSQFNWGYDPVNYNVPEGSYSSNPYDGKVRIKECKEMIKALHDAGISVVMDVVYNHTYSTDSCFQYTV
PNYYYRMKTTGAFSDGSGCGNEGATERAMYRQYVIDSLKYWVNEYHVDGFRFDLMGLMDVETMNMAREALDQIDPRITMW
GEGWAGGDSYHPTNTCSGTKFYPATQANASRLSDRIAIFNDGIRDGIKGSAMDISDVGFIQGSKSSAKGVSYGVRANSSG
TYKWKAQAPSQCVTYDACHDNATLYDQIIASTGLADYGERNSEAVKMNRLASAIIYTSQGISFTLAGEEMARSKDGDTNS
YKSAANLNMIKWQNVVDYADVVSYYKGMMQIKSAFSPLTAMDNSYADKYTFTKKVSASTNQISFTIQNDVEGEWNKMAVI
YNNATTAADVTLSDTSVTDWVVIANGETAGLDSLGEVTGSTFTVPARSAIVAVDKAGYESAGIHSSKGKVKVNYVYEATG
EKLEDSVILQGSVGSGYVTVPSAVIPDTYIVSRIGGNAEGKYTSDMQEVTYYYTDYIPESLKNADFNGDGEINVIDATLL
QKYIAKLETPTVDESTLDLNYDGTFNIEDSTMIMKYVARIPVSSGKVTVNYYYTDADGKQQKLTDSIVFAGRAGSTYKST
AFKVVGYAVDPDRMPENQSGLIPYGEAEVNYYYIASSLDIKLHVKHNGSLTWTPYLWIWGSDLKGKDSGNFMSEWPGDPM
TEGENGWFDYSFTYKGAGTYNVIVSDNATNQTIDYKGFVDNEMWIVIDDSAVMGSTYLTFYTDNPDTNPNAPIAEQVTLG
;
_entity_poly.pdbx_strand_id   A
#
# COMPACT_ATOMS: atom_id res chain seq x y z
N SER A 19 12.96 -20.55 -0.86
CA SER A 19 12.88 -21.97 -0.53
C SER A 19 12.14 -22.19 0.78
N ASP A 20 11.53 -23.36 0.92
CA ASP A 20 10.88 -23.73 2.17
C ASP A 20 10.94 -25.25 2.31
N TYR A 21 11.01 -25.70 3.55
CA TYR A 21 11.19 -27.11 3.87
C TYR A 21 10.17 -27.52 4.91
N ALA A 22 9.78 -28.79 4.88
CA ALA A 22 8.87 -29.34 5.88
C ALA A 22 9.67 -30.22 6.84
N ARG A 23 9.80 -29.78 8.09
CA ARG A 23 10.53 -30.50 9.11
C ARG A 23 9.65 -30.65 10.34
N ASP A 24 9.84 -31.75 11.07
CA ASP A 24 9.15 -32.00 12.32
C ASP A 24 10.18 -32.29 13.40
N ASN A 25 9.91 -31.84 14.61
CA ASN A 25 10.88 -31.94 15.70
C ASN A 25 10.14 -31.85 17.03
N SER A 26 10.91 -31.82 18.12
CA SER A 26 10.34 -31.80 19.45
C SER A 26 9.51 -30.55 19.67
N TYR A 27 10.01 -29.40 19.20
CA TYR A 27 9.28 -28.15 19.37
C TYR A 27 7.91 -28.23 18.70
N THR A 28 7.88 -28.71 17.46
CA THR A 28 6.63 -28.81 16.72
C THR A 28 5.67 -29.80 17.39
N LYS A 29 6.19 -30.95 17.85
CA LYS A 29 5.34 -31.93 18.50
C LYS A 29 4.75 -31.37 19.80
N ALA A 30 5.57 -30.70 20.60
CA ALA A 30 5.07 -30.11 21.84
C ALA A 30 4.03 -29.04 21.56
N ALA A 31 4.28 -28.18 20.56
CA ALA A 31 3.31 -27.15 20.20
C ALA A 31 2.01 -27.77 19.70
N GLU A 32 2.12 -28.87 18.93
CA GLU A 32 0.92 -29.56 18.47
C GLU A 32 0.13 -30.13 19.64
N ASP A 33 0.82 -30.69 20.63
CA ASP A 33 0.12 -31.19 21.82
C ASP A 33 -0.57 -30.04 22.55
N ILE A 34 0.11 -28.91 22.70
CA ILE A 34 -0.50 -27.74 23.32
C ILE A 34 -1.75 -27.34 22.57
N ASP A 35 -1.66 -27.28 21.23
CA ASP A 35 -2.82 -26.90 20.42
C ASP A 35 -3.95 -27.89 20.58
N ALA A 36 -3.63 -29.18 20.65
CA ALA A 36 -4.66 -30.20 20.79
C ALA A 36 -5.39 -30.07 22.12
N GLN A 37 -4.66 -29.79 23.20
CA GLN A 37 -5.26 -29.79 24.53
C GLN A 37 -5.78 -28.43 24.97
N TYR A 38 -4.90 -27.43 25.05
CA TYR A 38 -5.18 -26.18 25.74
C TYR A 38 -5.80 -25.11 24.86
N ALA A 39 -6.04 -25.39 23.58
CA ALA A 39 -6.49 -24.35 22.67
C ALA A 39 -7.76 -23.68 23.20
N TYR A 40 -7.80 -22.35 23.07
CA TYR A 40 -8.85 -21.53 23.64
C TYR A 40 -9.47 -20.68 22.53
N SER A 41 -10.78 -20.45 22.65
CA SER A 41 -11.50 -19.70 21.62
C SER A 41 -12.53 -18.73 22.19
N GLY A 42 -12.30 -18.12 23.36
CA GLY A 42 -13.27 -17.24 23.95
C GLY A 42 -13.35 -15.86 23.37
N ASN A 43 -12.34 -15.43 22.61
CA ASN A 43 -12.33 -14.11 21.97
C ASN A 43 -12.31 -12.98 23.00
N ASP A 44 -11.94 -13.28 24.25
CA ASP A 44 -11.97 -12.27 25.30
C ASP A 44 -10.66 -12.18 26.07
N LEU A 45 -9.56 -12.70 25.52
CA LEU A 45 -8.27 -12.52 26.17
C LEU A 45 -7.96 -11.03 26.30
N GLY A 46 -6.93 -10.73 27.07
CA GLY A 46 -6.56 -9.35 27.33
C GLY A 46 -7.56 -8.66 28.24
N VAL A 47 -7.60 -7.33 28.19
CA VAL A 47 -8.43 -6.54 29.09
C VAL A 47 -9.86 -6.49 28.57
N THR A 48 -10.82 -6.72 29.45
CA THR A 48 -12.24 -6.54 29.16
C THR A 48 -12.76 -5.52 30.17
N TYR A 49 -12.58 -4.24 29.85
CA TYR A 49 -12.86 -3.19 30.82
C TYR A 49 -14.34 -2.84 30.83
N THR A 50 -14.89 -2.68 32.03
CA THR A 50 -16.23 -2.15 32.22
C THR A 50 -16.22 -1.26 33.45
N LYS A 51 -17.13 -0.29 33.47
CA LYS A 51 -17.19 0.65 34.59
C LYS A 51 -17.44 -0.05 35.92
N ASP A 52 -18.09 -1.21 35.90
CA ASP A 52 -18.33 -1.97 37.12
C ASP A 52 -17.09 -2.72 37.58
N ALA A 53 -16.39 -3.36 36.65
CA ALA A 53 -15.18 -4.12 36.99
C ALA A 53 -14.34 -4.30 35.73
N THR A 54 -13.05 -4.56 35.94
CA THR A 54 -12.11 -4.85 34.88
C THR A 54 -11.73 -6.33 34.95
N THR A 55 -11.47 -6.93 33.80
CA THR A 55 -11.04 -8.32 33.71
C THR A 55 -9.76 -8.41 32.90
N PHE A 56 -8.93 -9.39 33.24
CA PHE A 56 -7.68 -9.64 32.53
C PHE A 56 -7.56 -11.14 32.29
N LYS A 57 -6.93 -11.52 31.18
CA LYS A 57 -6.80 -12.92 30.81
C LYS A 57 -5.52 -13.10 30.00
N VAL A 58 -4.75 -14.13 30.32
CA VAL A 58 -3.52 -14.44 29.62
C VAL A 58 -3.50 -15.94 29.34
N TRP A 59 -3.46 -16.30 28.06
CA TRP A 59 -3.35 -17.71 27.68
C TRP A 59 -1.88 -18.11 27.72
N SER A 60 -1.49 -18.85 28.74
CA SER A 60 -0.14 -19.40 28.81
C SER A 60 -0.16 -20.75 29.51
N PRO A 61 -0.37 -21.84 28.79
CA PRO A 61 -0.33 -23.15 29.44
C PRO A 61 0.99 -23.44 30.14
N THR A 62 2.11 -23.02 29.57
CA THR A 62 3.41 -23.33 30.13
C THR A 62 3.73 -22.55 31.40
N ALA A 63 2.92 -21.55 31.75
CA ALA A 63 3.22 -20.71 32.90
C ALA A 63 2.80 -21.39 34.20
N THR A 64 3.66 -21.30 35.21
CA THR A 64 3.32 -21.70 36.56
C THR A 64 2.55 -20.63 37.32
N GLY A 65 2.71 -19.36 36.96
CA GLY A 65 1.99 -18.28 37.62
C GLY A 65 2.14 -16.96 36.89
N VAL A 66 1.09 -16.14 36.94
CA VAL A 66 1.07 -14.82 36.30
C VAL A 66 0.68 -13.78 37.34
N LYS A 67 1.39 -12.66 37.36
CA LYS A 67 1.14 -11.58 38.31
C LYS A 67 0.91 -10.29 37.53
N LEU A 68 -0.19 -9.61 37.84
CA LEU A 68 -0.53 -8.35 37.19
C LEU A 68 -0.03 -7.18 38.01
N ASN A 69 0.58 -6.19 37.34
CA ASN A 69 1.15 -5.02 38.01
C ASN A 69 0.53 -3.75 37.47
N ILE A 70 -0.37 -3.14 38.24
CA ILE A 70 -1.05 -1.91 37.86
C ILE A 70 -0.09 -0.75 38.13
N PHE A 71 -0.04 0.22 37.22
CA PHE A 71 0.77 1.41 37.42
C PHE A 71 -0.10 2.64 37.16
N THR A 72 0.50 3.81 37.31
CA THR A 72 -0.21 5.06 37.05
C THR A 72 0.29 5.77 35.79
N LYS A 73 1.56 5.59 35.42
CA LYS A 73 2.10 6.19 34.21
C LYS A 73 2.85 5.11 33.44
N GLY A 74 2.73 5.18 32.11
CA GLY A 74 3.35 4.19 31.23
C GLY A 74 4.86 4.14 31.32
N SER A 75 5.47 4.98 32.13
CA SER A 75 6.88 4.87 32.44
C SER A 75 7.10 5.49 33.81
N ASP A 76 8.29 5.25 34.37
CA ASP A 76 8.63 5.80 35.67
C ASP A 76 9.18 7.22 35.57
N ASP A 77 9.48 7.70 34.36
CA ASP A 77 9.99 9.05 34.18
C ASP A 77 8.89 10.09 34.06
N GLU A 78 7.63 9.68 34.02
CA GLU A 78 6.52 10.63 33.99
C GLU A 78 6.15 11.06 35.39
N GLN A 79 5.83 12.35 35.55
CA GLN A 79 5.48 12.87 36.85
C GLN A 79 4.24 12.16 37.38
N GLY A 80 4.30 11.76 38.65
CA GLY A 80 3.22 10.99 39.24
C GLY A 80 3.27 9.51 38.94
N ALA A 81 4.38 9.01 38.40
CA ALA A 81 4.51 7.60 38.11
C ALA A 81 4.77 6.82 39.40
N SER A 82 4.01 5.76 39.62
CA SER A 82 4.17 4.94 40.81
C SER A 82 3.48 3.61 40.59
N LYS A 83 4.01 2.58 41.23
CA LYS A 83 3.40 1.26 41.17
C LYS A 83 2.21 1.21 42.12
N VAL A 84 1.03 0.90 41.59
CA VAL A 84 -0.17 0.91 42.42
C VAL A 84 -0.26 -0.36 43.26
N ALA A 85 -0.38 -1.52 42.62
CA ALA A 85 -0.58 -2.77 43.34
C ALA A 85 -0.26 -3.93 42.42
N SER A 86 -0.05 -5.10 43.03
CA SER A 86 0.16 -6.34 42.31
C SER A 86 -0.91 -7.34 42.74
N TYR A 87 -1.38 -8.13 41.77
CA TYR A 87 -2.35 -9.16 42.03
C TYR A 87 -1.87 -10.45 41.39
N THR A 88 -2.46 -11.57 41.80
CA THR A 88 -2.09 -12.86 41.23
C THR A 88 -3.24 -13.38 40.37
N LEU A 89 -2.96 -13.64 39.10
CA LEU A 89 -3.94 -14.24 38.21
C LEU A 89 -3.95 -15.75 38.41
N GLU A 90 -5.14 -16.30 38.67
CA GLU A 90 -5.29 -17.71 38.95
C GLU A 90 -5.78 -18.46 37.72
N LYS A 91 -5.53 -19.77 37.72
CA LYS A 91 -5.88 -20.60 36.58
C LYS A 91 -7.38 -20.54 36.31
N MET A 92 -7.73 -20.54 35.02
CA MET A 92 -9.13 -20.55 34.59
C MET A 92 -9.57 -21.99 34.39
N LEU A 93 -10.65 -22.38 35.05
CA LEU A 93 -11.11 -23.77 35.03
C LEU A 93 -12.48 -23.85 34.37
N VAL A 94 -12.62 -24.76 33.41
CA VAL A 94 -13.88 -25.11 32.79
C VAL A 94 -14.12 -26.59 33.01
N ASP A 95 -15.21 -26.93 33.68
CA ASP A 95 -15.54 -28.32 34.01
C ASP A 95 -14.41 -28.98 34.80
N GLY A 96 -13.62 -28.17 35.51
CA GLY A 96 -12.56 -28.68 36.35
C GLY A 96 -11.22 -28.85 35.67
N GLU A 97 -11.12 -28.65 34.37
CA GLU A 97 -9.87 -28.79 33.64
C GLU A 97 -9.37 -27.42 33.22
N TRP A 98 -8.06 -27.31 33.03
CA TRP A 98 -7.43 -26.02 32.74
C TRP A 98 -7.38 -25.80 31.24
N ASN A 99 -7.87 -24.64 30.79
CA ASN A 99 -7.89 -24.28 29.39
C ASN A 99 -6.77 -23.31 29.02
N GLY A 100 -5.72 -23.21 29.83
CA GLY A 100 -4.54 -22.46 29.47
C GLY A 100 -4.55 -21.00 29.83
N VAL A 101 -5.63 -20.48 30.42
CA VAL A 101 -5.81 -19.05 30.61
C VAL A 101 -5.66 -18.70 32.09
N TRP A 102 -5.23 -17.47 32.36
CA TRP A 102 -5.07 -16.94 33.71
C TRP A 102 -5.89 -15.68 33.85
N THR A 103 -6.89 -15.69 34.73
CA THR A 103 -7.86 -14.61 34.79
C THR A 103 -7.90 -13.99 36.17
N ILE A 104 -8.22 -12.70 36.22
CA ILE A 104 -8.45 -11.98 37.47
C ILE A 104 -9.37 -10.81 37.18
N THR A 105 -10.29 -10.56 38.11
CA THR A 105 -11.24 -9.45 38.02
C THR A 105 -10.97 -8.45 39.13
N LEU A 106 -10.75 -7.19 38.75
CA LEU A 106 -10.57 -6.10 39.69
C LEU A 106 -11.88 -5.32 39.79
N VAL A 107 -12.40 -5.16 41.01
CA VAL A 107 -13.66 -4.47 41.19
C VAL A 107 -13.40 -2.98 41.40
N GLY A 108 -14.17 -2.16 40.69
CA GLY A 108 -14.06 -0.72 40.79
C GLY A 108 -13.59 -0.07 39.51
N GLU A 109 -13.43 1.25 39.58
CA GLU A 109 -12.98 2.03 38.44
C GLU A 109 -11.49 1.85 38.25
N TRP A 110 -11.07 1.51 37.03
CA TRP A 110 -9.66 1.24 36.77
C TRP A 110 -9.19 1.83 35.44
N LYS A 111 -9.97 2.71 34.81
CA LYS A 111 -9.60 3.22 33.50
C LYS A 111 -8.34 4.07 33.58
N ASP A 112 -7.61 4.10 32.47
CA ASP A 112 -6.38 4.87 32.33
C ASP A 112 -5.23 4.30 33.15
N TYR A 113 -5.46 3.17 33.82
CA TYR A 113 -4.39 2.57 34.61
C TYR A 113 -3.57 1.61 33.75
N TYR A 114 -2.27 1.83 33.73
CA TYR A 114 -1.34 1.00 32.98
C TYR A 114 -1.17 -0.35 33.68
N TYR A 115 -0.43 -1.25 33.06
CA TYR A 115 -0.10 -2.50 33.71
C TYR A 115 0.91 -3.30 32.90
N THR A 116 1.33 -4.42 33.47
CA THR A 116 2.12 -5.44 32.80
C THR A 116 1.84 -6.78 33.46
N TYR A 117 2.48 -7.82 32.94
CA TYR A 117 2.38 -9.16 33.50
C TYR A 117 3.77 -9.65 33.88
N SER A 118 3.83 -10.48 34.91
CA SER A 118 5.07 -11.12 35.35
C SER A 118 4.86 -12.63 35.27
N VAL A 119 5.25 -13.22 34.14
CA VAL A 119 4.95 -14.60 33.81
C VAL A 119 6.15 -15.46 34.16
N THR A 120 5.94 -16.43 35.04
CA THR A 120 6.92 -17.48 35.33
C THR A 120 6.52 -18.70 34.52
N THR A 121 7.40 -19.16 33.63
CA THR A 121 6.97 -20.14 32.64
C THR A 121 8.16 -20.92 32.11
N THR A 122 7.88 -22.17 31.74
CA THR A 122 8.79 -22.98 30.94
C THR A 122 8.42 -22.83 29.46
N ASP A 123 9.16 -23.53 28.60
CA ASP A 123 8.83 -23.52 27.18
C ASP A 123 7.91 -24.71 26.86
N THR A 124 7.56 -24.85 25.58
CA THR A 124 6.60 -25.87 25.18
C THR A 124 7.13 -27.27 25.46
N THR A 125 8.42 -27.49 25.26
CA THR A 125 9.01 -28.81 25.38
C THR A 125 9.21 -29.26 26.83
N HIS A 126 9.01 -28.37 27.81
CA HIS A 126 9.27 -28.67 29.21
C HIS A 126 8.08 -28.35 30.10
N ILE A 127 6.87 -28.71 29.67
CA ILE A 127 5.70 -28.43 30.48
C ILE A 127 5.76 -29.27 31.76
N GLY A 128 5.53 -28.62 32.89
CA GLY A 128 5.49 -29.28 34.18
C GLY A 128 6.80 -29.37 34.91
N SER A 129 7.91 -28.94 34.30
CA SER A 129 9.20 -29.00 34.98
C SER A 129 9.40 -27.74 35.82
N ASP A 130 10.42 -27.80 36.68
CA ASP A 130 10.73 -26.71 37.60
C ASP A 130 11.77 -25.74 37.05
N ALA A 131 12.20 -25.91 35.80
CA ALA A 131 13.17 -25.01 35.20
C ALA A 131 12.47 -23.81 34.58
N THR A 132 11.73 -23.06 35.40
CA THR A 132 11.00 -21.90 34.91
C THR A 132 11.92 -20.68 34.86
N LYS A 133 11.45 -19.66 34.14
CA LYS A 133 12.08 -18.34 34.15
C LYS A 133 10.98 -17.29 34.26
N THR A 134 11.33 -16.16 34.86
CA THR A 134 10.39 -15.07 35.09
C THR A 134 10.64 -13.95 34.09
N TYR A 135 9.56 -13.48 33.48
CA TYR A 135 9.62 -12.39 32.50
C TYR A 135 8.56 -11.36 32.86
N GLU A 136 8.84 -10.11 32.55
CA GLU A 136 7.85 -9.03 32.63
C GLU A 136 7.54 -8.57 31.23
N THR A 137 6.26 -8.60 30.86
CA THR A 137 5.86 -8.50 29.46
C THR A 137 4.62 -7.63 29.33
N GLN A 138 4.64 -6.77 28.31
CA GLN A 138 3.41 -6.10 27.89
C GLN A 138 2.41 -7.14 27.39
N ASP A 139 1.13 -6.87 27.63
CA ASP A 139 0.09 -7.80 27.22
C ASP A 139 0.21 -8.10 25.74
N VAL A 140 0.12 -9.38 25.38
CA VAL A 140 0.11 -9.75 23.97
C VAL A 140 -1.05 -9.08 23.26
N TYR A 141 -2.19 -8.95 23.95
CA TYR A 141 -3.41 -8.38 23.41
C TYR A 141 -3.56 -6.90 23.76
N SER A 142 -2.46 -6.16 23.84
CA SER A 142 -2.52 -4.75 24.17
C SER A 142 -3.32 -3.98 23.13
N THR A 143 -4.29 -3.20 23.61
CA THR A 143 -5.04 -2.29 22.75
C THR A 143 -4.57 -0.85 22.88
N ALA A 144 -4.09 -0.45 24.05
CA ALA A 144 -3.44 0.85 24.23
C ALA A 144 -2.19 0.62 25.05
N THR A 145 -1.20 1.49 24.86
CA THR A 145 0.05 1.34 25.58
C THR A 145 0.67 2.71 25.83
N GLY A 146 1.37 2.82 26.96
CA GLY A 146 2.17 3.99 27.23
C GLY A 146 3.31 4.10 26.23
N VAL A 147 4.25 4.99 26.56
CA VAL A 147 5.33 5.30 25.65
C VAL A 147 6.08 4.01 25.30
N ASN A 148 6.45 3.89 24.02
CA ASN A 148 7.24 2.78 23.48
C ASN A 148 6.54 1.43 23.58
N GLY A 149 5.24 1.42 23.86
CA GLY A 149 4.49 0.17 23.86
C GLY A 149 4.95 -0.86 24.86
N LYS A 150 5.70 -0.46 25.88
CA LYS A 150 6.24 -1.40 26.86
C LYS A 150 5.35 -1.55 28.09
N ARG A 151 4.18 -0.94 28.08
CA ARG A 151 3.24 -1.00 29.20
C ARG A 151 1.83 -0.85 28.66
N SER A 152 0.96 -1.80 28.99
CA SER A 152 -0.41 -1.73 28.53
C SER A 152 -1.14 -0.59 29.21
N MET A 153 -2.41 -0.43 28.87
CA MET A 153 -3.28 0.55 29.50
C MET A 153 -4.71 0.06 29.41
N ILE A 154 -5.50 0.34 30.45
CA ILE A 154 -6.91 -0.01 30.44
C ILE A 154 -7.71 1.18 29.93
N VAL A 155 -7.81 1.33 28.61
CA VAL A 155 -8.55 2.44 28.03
C VAL A 155 -10.02 2.06 27.93
N ASP A 156 -10.88 3.08 27.93
CA ASP A 156 -12.27 2.92 27.53
C ASP A 156 -12.35 3.32 26.06
N LEU A 157 -12.45 2.32 25.18
CA LEU A 157 -12.36 2.60 23.75
C LEU A 157 -13.54 3.43 23.25
N ASP A 158 -14.70 3.28 23.89
CA ASP A 158 -15.87 4.06 23.47
C ASP A 158 -15.61 5.56 23.59
N GLU A 159 -14.72 5.95 24.49
CA GLU A 159 -14.43 7.36 24.71
C GLU A 159 -13.56 7.98 23.62
N THR A 160 -12.68 7.18 22.99
CA THR A 160 -11.72 7.72 22.04
C THR A 160 -12.29 7.94 20.64
N ASP A 161 -13.58 7.69 20.44
CA ASP A 161 -14.19 7.95 19.15
C ASP A 161 -14.27 9.45 18.90
N PRO A 162 -13.73 9.96 17.80
CA PRO A 162 -13.94 11.37 17.47
C PRO A 162 -15.41 11.67 17.24
N GLU A 163 -15.70 12.95 17.06
CA GLU A 163 -17.09 13.37 16.89
C GLU A 163 -17.67 12.79 15.61
N GLY A 164 -18.92 12.36 15.68
CA GLY A 164 -19.58 11.80 14.51
C GLY A 164 -19.07 10.45 14.08
N TRP A 165 -18.30 9.77 14.93
CA TRP A 165 -17.72 8.49 14.54
C TRP A 165 -18.79 7.43 14.32
N SER A 166 -19.96 7.59 14.94
CA SER A 166 -21.02 6.61 14.77
C SER A 166 -21.54 6.57 13.34
N ASN A 167 -21.42 7.67 12.60
CA ASN A 167 -21.90 7.73 11.22
C ASN A 167 -20.85 7.33 10.20
N ASP A 168 -19.60 7.12 10.62
CA ASP A 168 -18.57 6.68 9.70
C ASP A 168 -18.85 5.26 9.22
N SER A 169 -18.64 5.04 7.92
CA SER A 169 -18.88 3.74 7.32
C SER A 169 -17.71 3.42 6.39
N HIS A 170 -17.55 2.13 6.10
CA HIS A 170 -16.46 1.70 5.23
C HIS A 170 -16.61 2.32 3.85
N VAL A 171 -15.52 2.88 3.34
CA VAL A 171 -15.47 3.42 1.98
C VAL A 171 -14.80 2.35 1.12
N LEU A 172 -15.61 1.49 0.52
CA LEU A 172 -15.14 0.28 -0.14
C LEU A 172 -15.44 0.33 -1.63
N LEU A 173 -14.55 -0.27 -2.42
CA LEU A 173 -14.79 -0.44 -3.84
C LEU A 173 -15.92 -1.45 -4.06
N ASP A 174 -16.56 -1.36 -5.23
CA ASP A 174 -17.43 -2.44 -5.67
C ASP A 174 -16.60 -3.63 -6.15
N LYS A 175 -15.46 -3.35 -6.77
CA LYS A 175 -14.53 -4.38 -7.21
C LYS A 175 -13.12 -3.88 -6.93
N SER A 176 -12.28 -4.74 -6.35
CA SER A 176 -10.94 -4.30 -5.98
C SER A 176 -10.10 -4.00 -7.22
N THR A 177 -10.56 -4.41 -8.40
CA THR A 177 -9.83 -4.11 -9.62
C THR A 177 -9.98 -2.66 -10.05
N LYS A 178 -11.07 -2.01 -9.65
CA LYS A 178 -11.26 -0.60 -9.91
C LYS A 178 -10.32 0.29 -9.10
N SER A 179 -9.66 -0.26 -8.09
CA SER A 179 -8.85 0.55 -7.19
C SER A 179 -7.67 1.16 -7.92
N SER A 180 -7.25 2.33 -7.45
CA SER A 180 -5.97 2.94 -7.81
C SER A 180 -5.29 3.21 -6.48
N VAL A 181 -4.63 2.19 -5.94
CA VAL A 181 -4.12 2.25 -4.57
C VAL A 181 -2.98 3.27 -4.52
N TRP A 182 -2.99 4.08 -3.48
CA TRP A 182 -1.97 5.09 -3.26
C TRP A 182 -1.23 4.73 -1.98
N GLU A 183 -0.06 4.11 -2.12
CA GLU A 183 0.67 3.58 -0.99
C GLU A 183 1.39 4.72 -0.29
N LEU A 184 0.79 5.19 0.81
CA LEU A 184 1.17 6.42 1.47
C LEU A 184 1.75 6.14 2.84
N HIS A 185 2.91 6.75 3.12
CA HIS A 185 3.51 6.70 4.44
C HIS A 185 3.03 7.90 5.25
N ILE A 186 2.61 7.65 6.49
CA ILE A 186 1.97 8.69 7.28
C ILE A 186 2.91 9.86 7.53
N LYS A 187 4.19 9.59 7.75
CA LYS A 187 5.14 10.68 7.90
C LYS A 187 5.32 11.45 6.60
N ASP A 188 5.58 10.72 5.51
CA ASP A 188 5.92 11.37 4.25
C ASP A 188 4.76 12.18 3.69
N PHE A 189 3.53 11.82 4.05
CA PHE A 189 2.37 12.52 3.51
C PHE A 189 2.45 14.03 3.74
N SER A 190 2.98 14.45 4.90
CA SER A 190 2.91 15.86 5.28
C SER A 190 4.20 16.38 5.90
N TYR A 191 5.21 15.53 6.07
CA TYR A 191 6.40 15.96 6.79
C TYR A 191 7.08 17.15 6.13
N ASP A 192 6.85 17.37 4.85
CA ASP A 192 7.42 18.52 4.18
C ASP A 192 6.75 19.80 4.67
N LYS A 193 7.53 20.87 4.84
CA LYS A 193 6.93 22.16 5.15
C LYS A 193 6.20 22.73 3.95
N ALA A 194 6.52 22.24 2.74
CA ALA A 194 5.84 22.69 1.54
C ALA A 194 4.41 22.18 1.45
N SER A 195 4.01 21.25 2.31
CA SER A 195 2.64 20.76 2.26
C SER A 195 1.65 21.79 2.78
N GLY A 196 2.13 22.80 3.51
CA GLY A 196 1.25 23.82 4.06
C GLY A 196 0.47 23.39 5.27
N VAL A 197 0.77 22.24 5.86
CA VAL A 197 0.04 21.79 7.04
C VAL A 197 0.61 22.49 8.28
N SER A 198 -0.21 22.63 9.30
CA SER A 198 0.19 23.38 10.49
C SER A 198 1.50 22.84 11.05
N ASP A 199 2.12 23.63 11.92
CA ASP A 199 3.40 23.25 12.50
C ASP A 199 3.27 21.98 13.34
N ALA A 200 2.19 21.86 14.12
CA ALA A 200 2.07 20.76 15.06
C ALA A 200 1.74 19.44 14.38
N ASN A 201 1.24 19.46 13.14
CA ASN A 201 0.71 18.28 12.51
C ASN A 201 1.55 17.74 11.36
N ARG A 202 2.80 18.19 11.22
CA ARG A 202 3.61 17.74 10.10
C ARG A 202 4.23 16.39 10.41
N GLY A 203 3.56 15.32 9.97
CA GLY A 203 4.06 13.97 10.15
C GLY A 203 3.28 13.13 11.11
N LYS A 204 2.00 13.44 11.35
CA LYS A 204 1.20 12.75 12.35
C LYS A 204 -0.05 12.19 11.69
N TYR A 205 -0.95 11.67 12.53
CA TYR A 205 -2.25 11.23 12.05
C TYR A 205 -3.07 12.42 11.57
N LEU A 206 -2.83 13.59 12.14
CA LEU A 206 -3.74 14.71 12.01
C LEU A 206 -3.46 15.58 10.78
N ALA A 207 -2.37 15.33 10.06
CA ALA A 207 -2.18 16.00 8.78
C ALA A 207 -3.26 15.60 7.79
N PHE A 208 -3.97 14.50 8.08
CA PHE A 208 -5.00 14.02 7.17
C PHE A 208 -6.37 14.64 7.46
N THR A 209 -6.50 15.39 8.57
CA THR A 209 -7.78 15.99 8.90
C THR A 209 -7.88 17.45 8.47
N GLU A 210 -6.82 18.04 7.95
CA GLU A 210 -6.79 19.47 7.61
C GLU A 210 -7.25 19.66 6.17
N ASN A 211 -8.47 20.13 6.00
CA ASN A 211 -8.95 20.52 4.68
C ASN A 211 -8.36 21.88 4.29
N GLY A 212 -8.34 22.15 3.00
CA GLY A 212 -7.92 23.45 2.50
C GLY A 212 -6.43 23.67 2.45
N THR A 213 -5.63 22.62 2.61
CA THR A 213 -4.18 22.78 2.51
C THR A 213 -3.79 23.24 1.11
N THR A 214 -2.63 23.87 0.99
CA THR A 214 -2.10 24.30 -0.29
C THR A 214 -0.58 24.35 -0.21
N LEU A 215 0.06 24.35 -1.37
CA LEU A 215 1.51 24.39 -1.43
C LEU A 215 2.02 25.65 -0.76
N ASN A 216 2.83 25.47 0.29
CA ASN A 216 3.46 26.59 0.99
C ASN A 216 2.42 27.53 1.58
N GLY A 217 1.21 27.03 1.79
CA GLY A 217 0.16 27.86 2.36
C GLY A 217 -0.18 29.09 1.55
N GLU A 218 0.19 29.12 0.27
CA GLU A 218 -0.05 30.28 -0.58
C GLU A 218 -1.45 30.31 -1.16
N GLY A 219 -2.20 29.21 -1.09
CA GLY A 219 -3.56 29.18 -1.56
C GLY A 219 -3.73 29.02 -3.06
N LYS A 220 -2.67 28.68 -3.79
CA LYS A 220 -2.76 28.59 -5.24
C LYS A 220 -3.10 27.19 -5.70
N VAL A 221 -2.26 26.21 -5.36
CA VAL A 221 -2.44 24.82 -5.77
C VAL A 221 -2.58 23.96 -4.52
N SER A 222 -3.49 23.00 -4.56
CA SER A 222 -3.80 22.21 -3.37
C SER A 222 -2.71 21.17 -3.11
N THR A 223 -2.79 20.57 -1.91
CA THR A 223 -1.92 19.47 -1.52
C THR A 223 -2.67 18.58 -0.54
N CYS A 224 -2.03 17.45 -0.20
CA CYS A 224 -2.48 16.52 0.84
C CYS A 224 -3.91 16.05 0.52
N ILE A 225 -4.88 16.29 1.40
CA ILE A 225 -6.19 15.64 1.25
C ILE A 225 -6.97 16.22 0.07
N ASP A 226 -7.00 17.54 -0.08
CA ASP A 226 -7.64 18.12 -1.25
C ASP A 226 -6.98 17.67 -2.54
N TYR A 227 -5.65 17.53 -2.53
CA TYR A 227 -4.95 16.99 -3.68
C TYR A 227 -5.37 15.55 -3.97
N LEU A 228 -5.61 14.76 -2.92
CA LEU A 228 -6.10 13.40 -3.14
C LEU A 228 -7.49 13.41 -3.77
N LYS A 229 -8.38 14.29 -3.28
CA LYS A 229 -9.69 14.39 -3.91
C LYS A 229 -9.57 14.80 -5.37
N GLU A 230 -8.59 15.66 -5.66
CA GLU A 230 -8.37 16.08 -7.05
C GLU A 230 -7.89 14.91 -7.89
N LEU A 231 -6.88 14.18 -7.41
CA LEU A 231 -6.29 13.09 -8.19
C LEU A 231 -7.24 11.91 -8.32
N GLY A 232 -8.23 11.80 -7.44
CA GLY A 232 -9.26 10.80 -7.62
C GLY A 232 -8.88 9.38 -7.26
N VAL A 233 -7.74 9.18 -6.57
CA VAL A 233 -7.38 7.83 -6.15
C VAL A 233 -8.51 7.25 -5.32
N THR A 234 -8.85 5.99 -5.57
CA THR A 234 -9.98 5.37 -4.89
C THR A 234 -9.56 4.67 -3.61
N THR A 235 -8.26 4.49 -3.37
CA THR A 235 -7.78 3.82 -2.17
C THR A 235 -6.43 4.41 -1.79
N VAL A 236 -6.13 4.38 -0.50
CA VAL A 236 -4.82 4.79 0.03
C VAL A 236 -4.36 3.71 0.99
N GLN A 237 -3.20 3.11 0.71
CA GLN A 237 -2.66 2.05 1.55
C GLN A 237 -1.59 2.62 2.46
N LEU A 238 -1.90 2.69 3.75
CA LEU A 238 -1.03 3.31 4.73
C LEU A 238 0.07 2.34 5.14
N ASN A 239 1.31 2.81 5.10
CA ASN A 239 2.44 2.01 5.55
C ASN A 239 2.23 1.63 7.01
N PRO A 240 3.07 0.76 7.57
CA PRO A 240 2.79 0.22 8.91
C PRO A 240 2.56 1.30 9.96
N PHE A 241 1.34 1.37 10.48
CA PHE A 241 1.03 2.23 11.61
C PHE A 241 0.42 1.47 12.78
N TYR A 242 0.60 0.16 12.84
CA TYR A 242 0.52 -0.54 14.12
C TYR A 242 1.72 -0.11 14.98
N ASP A 243 1.76 -0.58 16.21
CA ASP A 243 2.85 -0.21 17.10
C ASP A 243 4.11 -0.97 16.72
N PHE A 244 5.18 -0.25 16.38
CA PHE A 244 6.45 -0.86 16.02
C PHE A 244 7.57 -0.24 16.85
N GLN A 245 8.77 -0.82 16.71
CA GLN A 245 9.82 -0.57 17.69
C GLN A 245 10.82 0.49 17.22
N SER A 246 11.19 0.47 15.95
CA SER A 246 12.43 1.07 15.52
C SER A 246 12.42 2.60 15.54
N VAL A 247 11.40 3.22 16.12
CA VAL A 247 11.39 4.67 16.34
C VAL A 247 11.03 4.93 17.80
N ASN A 248 11.85 5.73 18.47
CA ASN A 248 11.63 6.06 19.88
C ASN A 248 10.47 7.03 20.01
N GLU A 249 9.40 6.60 20.66
CA GLU A 249 8.22 7.46 20.81
C GLU A 249 8.47 8.61 21.76
N ALA A 250 9.62 8.65 22.42
CA ALA A 250 9.97 9.75 23.32
C ALA A 250 11.19 10.53 22.86
N GLY A 251 11.82 10.15 21.75
CA GLY A 251 13.03 10.78 21.29
C GLY A 251 12.80 11.85 20.25
N ASP A 252 13.78 12.01 19.36
CA ASP A 252 13.74 13.04 18.35
C ASP A 252 12.52 12.88 17.45
N ASP A 253 11.91 14.00 17.07
CA ASP A 253 10.72 13.97 16.23
C ASP A 253 11.05 13.74 14.76
N SER A 254 12.32 13.74 14.39
CA SER A 254 12.73 13.53 13.00
C SER A 254 13.09 12.08 12.69
N GLN A 255 12.65 11.13 13.50
CA GLN A 255 12.95 9.73 13.25
C GLN A 255 11.98 9.15 12.24
N PHE A 256 12.52 8.48 11.22
CA PHE A 256 11.71 7.84 10.18
C PHE A 256 12.02 6.36 10.11
N ASN A 257 10.97 5.57 9.88
CA ASN A 257 11.09 4.13 9.78
C ASN A 257 9.81 3.58 9.19
N TRP A 258 9.94 2.73 8.16
CA TRP A 258 8.74 2.13 7.57
C TRP A 258 7.91 1.44 8.63
N GLY A 259 8.55 0.64 9.48
CA GLY A 259 7.88 0.02 10.59
C GLY A 259 7.69 -1.48 10.50
N TYR A 260 8.58 -2.18 9.81
CA TYR A 260 8.49 -3.63 9.74
C TYR A 260 9.26 -4.31 10.87
N ASP A 261 9.03 -3.87 12.10
CA ASP A 261 9.53 -4.51 13.31
C ASP A 261 8.41 -4.57 14.34
N PRO A 262 7.35 -5.32 14.07
CA PRO A 262 6.12 -5.18 14.87
C PRO A 262 6.35 -5.45 16.34
N VAL A 263 5.60 -4.74 17.18
CA VAL A 263 5.65 -4.92 18.62
C VAL A 263 4.25 -5.25 19.13
N ASN A 264 3.33 -4.32 18.98
CA ASN A 264 1.93 -4.50 19.38
C ASN A 264 1.08 -4.35 18.12
N TYR A 265 0.56 -5.47 17.63
CA TYR A 265 -0.22 -5.42 16.41
C TYR A 265 -1.47 -4.58 16.57
N ASN A 266 -2.13 -4.67 17.72
CA ASN A 266 -3.46 -4.10 17.91
C ASN A 266 -3.44 -2.64 18.33
N VAL A 267 -2.27 -2.03 18.50
CA VAL A 267 -2.13 -0.70 19.08
C VAL A 267 -1.56 0.23 18.02
N PRO A 268 -2.19 1.37 17.73
CA PRO A 268 -1.62 2.29 16.75
C PRO A 268 -0.26 2.81 17.17
N GLU A 269 0.56 3.13 16.18
CA GLU A 269 1.90 3.62 16.44
C GLU A 269 1.84 4.93 17.20
N GLY A 270 2.81 5.15 18.09
CA GLY A 270 2.79 6.31 18.95
C GLY A 270 3.44 7.55 18.37
N SER A 271 4.52 7.39 17.61
CA SER A 271 5.24 8.54 17.08
C SER A 271 4.47 9.27 15.99
N TYR A 272 3.28 8.78 15.64
CA TYR A 272 2.38 9.49 14.72
C TYR A 272 1.28 10.23 15.46
N SER A 273 1.42 10.47 16.76
CA SER A 273 0.43 11.19 17.53
C SER A 273 1.08 12.37 18.23
N SER A 274 0.27 13.38 18.53
CA SER A 274 0.77 14.57 19.20
C SER A 274 1.31 14.26 20.59
N ASN A 275 0.77 13.23 21.24
CA ASN A 275 1.18 12.87 22.60
C ASN A 275 1.26 11.34 22.68
N PRO A 276 2.46 10.77 22.61
CA PRO A 276 2.59 9.31 22.74
C PRO A 276 2.50 8.81 24.17
N TYR A 277 2.81 9.65 25.16
CA TYR A 277 2.81 9.19 26.55
C TYR A 277 1.42 8.79 27.01
N ASP A 278 0.38 9.41 26.45
CA ASP A 278 -1.00 9.05 26.75
C ASP A 278 -1.48 8.06 25.69
N GLY A 279 -2.14 6.99 26.13
CA GLY A 279 -2.57 5.96 25.22
C GLY A 279 -3.89 6.25 24.51
N LYS A 280 -4.73 7.12 25.08
CA LYS A 280 -5.96 7.48 24.41
C LYS A 280 -5.70 8.35 23.20
N VAL A 281 -4.59 9.10 23.20
CA VAL A 281 -4.34 10.09 22.16
C VAL A 281 -4.02 9.39 20.84
N ARG A 282 -3.18 8.36 20.87
CA ARG A 282 -2.86 7.63 19.64
C ARG A 282 -4.12 7.06 19.01
N ILE A 283 -4.99 6.46 19.83
CA ILE A 283 -6.21 5.87 19.30
C ILE A 283 -7.10 6.95 18.70
N LYS A 284 -7.30 8.05 19.43
CA LYS A 284 -8.16 9.13 18.95
C LYS A 284 -7.64 9.67 17.62
N GLU A 285 -6.32 9.88 17.52
CA GLU A 285 -5.78 10.52 16.32
C GLU A 285 -5.74 9.57 15.13
N CYS A 286 -5.45 8.29 15.37
CA CYS A 286 -5.55 7.32 14.27
C CYS A 286 -6.96 7.24 13.75
N LYS A 287 -7.95 7.16 14.64
CA LYS A 287 -9.34 7.16 14.21
C LYS A 287 -9.69 8.45 13.47
N GLU A 288 -9.13 9.58 13.92
CA GLU A 288 -9.38 10.84 13.22
C GLU A 288 -8.85 10.80 11.80
N MET A 289 -7.65 10.26 11.60
CA MET A 289 -7.11 10.15 10.25
C MET A 289 -7.97 9.26 9.37
N ILE A 290 -8.37 8.10 9.90
CA ILE A 290 -9.21 7.19 9.13
C ILE A 290 -10.52 7.85 8.77
N LYS A 291 -11.11 8.59 9.72
CA LYS A 291 -12.35 9.31 9.46
C LYS A 291 -12.15 10.37 8.38
N ALA A 292 -11.04 11.08 8.42
CA ALA A 292 -10.77 12.09 7.41
C ALA A 292 -10.74 11.47 6.02
N LEU A 293 -9.95 10.41 5.86
CA LEU A 293 -9.86 9.77 4.55
C LEU A 293 -11.21 9.21 4.12
N HIS A 294 -11.96 8.60 5.04
CA HIS A 294 -13.26 8.08 4.67
C HIS A 294 -14.21 9.19 4.27
N ASP A 295 -14.06 10.39 4.86
CA ASP A 295 -14.91 11.51 4.48
C ASP A 295 -14.47 12.08 3.13
N ALA A 296 -13.19 11.95 2.78
CA ALA A 296 -12.74 12.31 1.44
C ALA A 296 -13.18 11.28 0.39
N GLY A 297 -13.95 10.27 0.77
CA GLY A 297 -14.37 9.25 -0.17
C GLY A 297 -13.26 8.32 -0.60
N ILE A 298 -12.20 8.22 0.18
CA ILE A 298 -11.00 7.45 -0.18
C ILE A 298 -10.89 6.27 0.76
N SER A 299 -10.82 5.07 0.21
CA SER A 299 -10.68 3.87 1.02
C SER A 299 -9.33 3.87 1.73
N VAL A 300 -9.22 3.07 2.79
CA VAL A 300 -8.03 3.00 3.62
C VAL A 300 -7.61 1.53 3.69
N VAL A 301 -6.32 1.27 3.44
CA VAL A 301 -5.78 -0.09 3.40
C VAL A 301 -4.57 -0.14 4.33
N MET A 302 -4.67 -0.92 5.40
CA MET A 302 -3.62 -1.01 6.41
C MET A 302 -2.58 -2.04 6.00
N ASP A 303 -1.33 -1.61 5.94
CA ASP A 303 -0.23 -2.55 5.80
C ASP A 303 0.00 -3.28 7.13
N VAL A 304 0.06 -4.62 7.07
CA VAL A 304 0.23 -5.45 8.25
C VAL A 304 1.39 -6.41 8.03
N VAL A 305 2.04 -6.80 9.13
CA VAL A 305 3.31 -7.52 9.10
C VAL A 305 3.29 -8.75 10.00
N TYR A 306 2.15 -9.44 10.07
CA TYR A 306 1.98 -10.56 10.99
C TYR A 306 2.97 -11.71 10.79
N ASN A 307 3.89 -11.59 9.82
CA ASN A 307 4.84 -12.67 9.56
C ASN A 307 6.02 -12.68 10.52
N HIS A 308 6.16 -11.69 11.39
CA HIS A 308 7.29 -11.67 12.31
C HIS A 308 7.13 -10.52 13.29
N THR A 309 7.98 -10.54 14.32
CA THR A 309 8.04 -9.49 15.33
C THR A 309 9.45 -8.94 15.41
N TYR A 310 9.61 -7.84 16.15
CA TYR A 310 10.88 -7.12 16.15
C TYR A 310 12.00 -8.02 16.68
N SER A 311 11.73 -8.74 17.76
CA SER A 311 12.73 -9.60 18.37
C SER A 311 12.05 -10.78 19.06
N THR A 312 12.82 -11.85 19.26
CA THR A 312 12.32 -13.02 19.95
C THR A 312 12.07 -12.77 21.44
N ASP A 313 12.59 -11.65 21.97
CA ASP A 313 12.31 -11.24 23.34
C ASP A 313 10.98 -10.49 23.39
N SER A 314 9.93 -11.12 22.90
CA SER A 314 8.66 -10.44 22.69
C SER A 314 7.64 -10.86 23.74
N CYS A 315 6.46 -10.25 23.66
CA CYS A 315 5.36 -10.65 24.54
C CYS A 315 4.93 -12.08 24.26
N PHE A 316 4.87 -12.47 22.99
CA PHE A 316 4.54 -13.85 22.66
C PHE A 316 5.50 -14.82 23.33
N GLN A 317 6.80 -14.58 23.17
CA GLN A 317 7.79 -15.48 23.74
C GLN A 317 7.75 -15.48 25.25
N TYR A 318 7.62 -14.31 25.87
CA TYR A 318 7.56 -14.23 27.32
C TYR A 318 6.32 -14.90 27.87
N THR A 319 5.24 -14.98 27.09
CA THR A 319 4.03 -15.64 27.58
C THR A 319 4.09 -17.15 27.38
N VAL A 320 4.51 -17.60 26.19
CA VAL A 320 4.66 -19.02 25.90
C VAL A 320 5.87 -19.20 24.99
N PRO A 321 7.07 -19.38 25.54
CA PRO A 321 8.26 -19.45 24.69
C PRO A 321 8.19 -20.62 23.71
N ASN A 322 8.79 -20.41 22.52
CA ASN A 322 8.96 -21.39 21.46
C ASN A 322 7.65 -21.80 20.79
N TYR A 323 6.51 -21.28 21.24
CA TYR A 323 5.24 -21.74 20.68
C TYR A 323 4.85 -20.89 19.47
N TYR A 324 4.83 -19.57 19.64
CA TYR A 324 4.32 -18.65 18.64
C TYR A 324 5.26 -18.44 17.46
N TYR A 325 6.36 -19.17 17.40
CA TYR A 325 7.36 -19.01 16.35
C TYR A 325 7.76 -20.37 15.80
N ARG A 326 8.31 -20.35 14.59
CA ARG A 326 8.75 -21.57 13.93
C ARG A 326 10.16 -21.90 14.37
N MET A 327 10.35 -23.10 14.94
CA MET A 327 11.60 -23.49 15.56
C MET A 327 12.30 -24.53 14.70
N LYS A 328 13.60 -24.31 14.44
CA LYS A 328 14.41 -25.32 13.80
C LYS A 328 14.70 -26.46 14.77
N THR A 329 15.17 -27.58 14.22
CA THR A 329 15.47 -28.74 15.05
C THR A 329 16.60 -28.47 16.04
N THR A 330 17.53 -27.58 15.70
CA THR A 330 18.66 -27.29 16.58
C THR A 330 18.28 -26.35 17.73
N GLY A 331 17.05 -25.85 17.76
CA GLY A 331 16.62 -24.92 18.78
C GLY A 331 16.68 -23.47 18.37
N ALA A 332 17.45 -23.12 17.35
CA ALA A 332 17.45 -21.75 16.85
C ALA A 332 16.12 -21.42 16.20
N PHE A 333 15.89 -20.13 15.97
CA PHE A 333 14.67 -19.68 15.34
C PHE A 333 14.82 -19.68 13.82
N SER A 334 13.73 -19.94 13.12
CA SER A 334 13.74 -19.90 11.67
C SER A 334 13.91 -18.47 11.19
N ASP A 335 14.68 -18.31 10.11
CA ASP A 335 15.03 -17.00 9.58
C ASP A 335 14.40 -16.75 8.22
N GLY A 336 13.17 -17.21 8.02
CA GLY A 336 12.53 -17.08 6.72
C GLY A 336 12.13 -15.66 6.39
N SER A 337 11.90 -14.81 7.39
CA SER A 337 11.57 -13.42 7.15
C SER A 337 12.80 -12.53 7.07
N GLY A 338 13.98 -13.06 7.36
CA GLY A 338 15.21 -12.29 7.30
C GLY A 338 15.51 -11.46 8.53
N CYS A 339 14.62 -11.43 9.51
CA CYS A 339 14.82 -10.66 10.73
C CYS A 339 15.23 -11.54 11.92
N GLY A 340 15.45 -12.84 11.69
CA GLY A 340 15.85 -13.74 12.73
C GLY A 340 14.75 -14.60 13.32
N ASN A 341 13.49 -14.35 12.97
CA ASN A 341 12.39 -15.17 13.44
C ASN A 341 11.23 -15.04 12.47
N GLU A 342 10.20 -15.85 12.68
CA GLU A 342 9.02 -15.83 11.83
C GLU A 342 7.86 -16.51 12.53
N GLY A 343 6.76 -15.77 12.68
CA GLY A 343 5.63 -16.27 13.42
C GLY A 343 5.08 -17.54 12.81
N ALA A 344 4.69 -18.48 13.67
CA ALA A 344 4.18 -19.77 13.23
C ALA A 344 2.66 -19.64 13.05
N THR A 345 2.27 -19.24 11.84
CA THR A 345 0.87 -19.00 11.54
C THR A 345 0.04 -20.28 11.54
N GLU A 346 0.70 -21.44 11.45
CA GLU A 346 0.00 -22.72 11.50
C GLU A 346 -0.52 -23.06 12.88
N ARG A 347 -0.07 -22.32 13.91
CA ARG A 347 -0.35 -22.66 15.28
C ARG A 347 -1.78 -22.25 15.66
N ALA A 348 -2.45 -23.12 16.42
CA ALA A 348 -3.89 -22.98 16.60
C ALA A 348 -4.26 -21.64 17.22
N MET A 349 -3.37 -21.07 18.05
CA MET A 349 -3.71 -19.83 18.73
C MET A 349 -3.12 -18.61 18.02
N TYR A 350 -1.97 -18.76 17.36
CA TYR A 350 -1.45 -17.63 16.60
C TYR A 350 -2.32 -17.34 15.38
N ARG A 351 -2.88 -18.39 14.76
CA ARG A 351 -3.84 -18.19 13.69
C ARG A 351 -5.03 -17.37 14.18
N GLN A 352 -5.61 -17.77 15.32
CA GLN A 352 -6.73 -17.02 15.88
C GLN A 352 -6.31 -15.61 16.25
N TYR A 353 -5.09 -15.44 16.73
CA TYR A 353 -4.59 -14.11 17.04
C TYR A 353 -4.58 -13.22 15.81
N VAL A 354 -4.02 -13.72 14.71
CA VAL A 354 -3.93 -12.90 13.49
C VAL A 354 -5.33 -12.59 12.97
N ILE A 355 -6.19 -13.59 12.93
CA ILE A 355 -7.54 -13.36 12.41
C ILE A 355 -8.26 -12.32 13.27
N ASP A 356 -8.19 -12.47 14.59
CA ASP A 356 -8.87 -11.54 15.48
C ASP A 356 -8.25 -10.15 15.43
N SER A 357 -6.95 -10.06 15.19
CA SER A 357 -6.30 -8.76 15.06
C SER A 357 -6.77 -8.04 13.81
N LEU A 358 -6.87 -8.75 12.69
CA LEU A 358 -7.44 -8.15 11.48
C LEU A 358 -8.86 -7.67 11.74
N LYS A 359 -9.70 -8.54 12.29
CA LYS A 359 -11.08 -8.15 12.55
C LYS A 359 -11.15 -6.96 13.50
N TYR A 360 -10.27 -6.91 14.50
CA TYR A 360 -10.29 -5.81 15.44
C TYR A 360 -9.88 -4.50 14.78
N TRP A 361 -8.79 -4.51 14.00
CA TRP A 361 -8.44 -3.31 13.26
C TRP A 361 -9.61 -2.82 12.44
N VAL A 362 -10.22 -3.70 11.65
CA VAL A 362 -11.32 -3.27 10.81
C VAL A 362 -12.44 -2.68 11.67
N ASN A 363 -12.90 -3.44 12.67
CA ASN A 363 -14.12 -3.06 13.40
C ASN A 363 -13.90 -1.82 14.25
N GLU A 364 -12.67 -1.56 14.67
CA GLU A 364 -12.39 -0.45 15.57
C GLU A 364 -11.89 0.80 14.86
N TYR A 365 -10.87 0.68 14.03
CA TYR A 365 -10.30 1.83 13.34
C TYR A 365 -10.86 1.98 11.93
N HIS A 366 -11.94 1.26 11.59
CA HIS A 366 -12.59 1.40 10.30
C HIS A 366 -11.59 1.40 9.16
N VAL A 367 -10.73 0.37 9.11
CA VAL A 367 -9.91 0.15 7.92
C VAL A 367 -10.71 -0.73 6.96
N ASP A 368 -10.35 -0.67 5.68
CA ASP A 368 -11.12 -1.29 4.62
C ASP A 368 -10.42 -2.48 3.99
N GLY A 369 -9.13 -2.65 4.19
CA GLY A 369 -8.40 -3.77 3.62
C GLY A 369 -6.97 -3.77 4.11
N PHE A 370 -6.27 -4.86 3.81
CA PHE A 370 -4.94 -5.08 4.35
C PHE A 370 -3.95 -5.44 3.25
N ARG A 371 -2.68 -5.31 3.58
CA ARG A 371 -1.58 -5.76 2.72
C ARG A 371 -0.57 -6.52 3.58
N PHE A 372 -0.37 -7.80 3.27
CA PHE A 372 0.39 -8.70 4.11
C PHE A 372 1.83 -8.78 3.61
N ASP A 373 2.76 -8.22 4.38
CA ASP A 373 4.16 -8.27 4.00
C ASP A 373 4.67 -9.71 4.03
N LEU A 374 5.55 -10.04 3.10
CA LEU A 374 6.09 -11.40 2.96
C LEU A 374 4.99 -12.43 3.16
N MET A 375 3.95 -12.32 2.31
CA MET A 375 2.84 -13.25 2.34
C MET A 375 3.28 -14.70 2.17
N GLY A 376 4.42 -14.93 1.53
CA GLY A 376 4.88 -16.29 1.31
C GLY A 376 5.10 -17.09 2.57
N LEU A 377 5.43 -16.43 3.68
CA LEU A 377 5.58 -17.14 4.94
C LEU A 377 4.26 -17.64 5.50
N MET A 378 3.23 -16.81 5.54
CA MET A 378 1.92 -17.26 5.99
C MET A 378 1.50 -18.48 5.18
N ASP A 379 0.57 -19.26 5.74
CA ASP A 379 0.13 -20.48 5.09
C ASP A 379 -1.26 -20.31 4.48
N VAL A 380 -1.50 -21.05 3.40
CA VAL A 380 -2.67 -20.82 2.56
C VAL A 380 -3.94 -21.10 3.35
N GLU A 381 -3.92 -22.10 4.24
CA GLU A 381 -5.09 -22.38 5.03
C GLU A 381 -5.42 -21.21 5.97
N THR A 382 -4.40 -20.65 6.61
CA THR A 382 -4.61 -19.50 7.48
C THR A 382 -5.14 -18.32 6.69
N MET A 383 -4.60 -18.11 5.48
CA MET A 383 -5.06 -16.97 4.69
C MET A 383 -6.47 -17.17 4.19
N ASN A 384 -6.85 -18.39 3.84
CA ASN A 384 -8.24 -18.65 3.50
C ASN A 384 -9.15 -18.40 4.68
N MET A 385 -8.71 -18.78 5.89
CA MET A 385 -9.51 -18.52 7.09
C MET A 385 -9.67 -17.04 7.34
N ALA A 386 -8.58 -16.27 7.18
CA ALA A 386 -8.66 -14.82 7.35
C ALA A 386 -9.56 -14.20 6.28
N ARG A 387 -9.44 -14.68 5.05
CA ARG A 387 -10.29 -14.20 3.96
C ARG A 387 -11.76 -14.44 4.27
N GLU A 388 -12.08 -15.63 4.74
CA GLU A 388 -13.47 -15.93 5.10
C GLU A 388 -13.94 -15.07 6.26
N ALA A 389 -13.06 -14.86 7.26
CA ALA A 389 -13.45 -14.02 8.40
C ALA A 389 -13.73 -12.59 7.97
N LEU A 390 -12.88 -12.02 7.12
CA LEU A 390 -13.11 -10.66 6.64
C LEU A 390 -14.34 -10.59 5.74
N ASP A 391 -14.56 -11.64 4.94
CA ASP A 391 -15.80 -11.72 4.16
C ASP A 391 -17.01 -11.69 5.06
N GLN A 392 -16.96 -12.39 6.19
CA GLN A 392 -18.08 -12.37 7.13
C GLN A 392 -18.41 -10.97 7.61
N ILE A 393 -17.46 -10.03 7.54
CA ILE A 393 -17.77 -8.63 7.80
C ILE A 393 -18.29 -8.01 6.51
N ASP A 394 -17.41 -7.86 5.52
CA ASP A 394 -17.83 -7.35 4.22
C ASP A 394 -16.84 -7.84 3.17
N PRO A 395 -17.29 -8.63 2.19
CA PRO A 395 -16.33 -9.27 1.27
C PRO A 395 -15.52 -8.30 0.43
N ARG A 396 -15.96 -7.06 0.26
CA ARG A 396 -15.20 -6.08 -0.50
C ARG A 396 -13.94 -5.63 0.23
N ILE A 397 -13.77 -6.02 1.49
CA ILE A 397 -12.52 -5.76 2.19
C ILE A 397 -11.39 -6.39 1.38
N THR A 398 -10.46 -5.55 0.92
CA THR A 398 -9.45 -6.04 0.00
C THR A 398 -8.27 -6.61 0.76
N MET A 399 -7.79 -7.77 0.29
CA MET A 399 -6.60 -8.40 0.82
C MET A 399 -5.61 -8.61 -0.32
N TRP A 400 -4.33 -8.41 -0.03
CA TRP A 400 -3.28 -8.79 -0.95
C TRP A 400 -1.97 -8.81 -0.19
N GLY A 401 -0.89 -9.09 -0.89
CA GLY A 401 0.41 -9.09 -0.25
C GLY A 401 1.46 -9.73 -1.12
N GLU A 402 2.71 -9.53 -0.72
CA GLU A 402 3.87 -10.03 -1.46
C GLU A 402 3.90 -11.55 -1.37
N GLY A 403 3.76 -12.23 -2.51
CA GLY A 403 3.75 -13.67 -2.51
C GLY A 403 5.13 -14.31 -2.59
N TRP A 404 6.01 -13.98 -1.64
CA TRP A 404 7.31 -14.63 -1.55
C TRP A 404 7.76 -14.62 -0.09
N ALA A 405 9.01 -14.99 0.15
CA ALA A 405 9.59 -14.97 1.48
C ALA A 405 11.03 -14.49 1.41
N GLY A 406 11.52 -13.97 2.53
CA GLY A 406 12.84 -13.38 2.59
C GLY A 406 13.97 -14.35 2.79
N GLY A 407 13.68 -15.63 3.02
CA GLY A 407 14.72 -16.60 3.24
C GLY A 407 14.16 -18.00 3.36
N ASP A 408 15.05 -18.93 3.68
CA ASP A 408 14.65 -20.32 3.82
C ASP A 408 13.83 -20.52 5.08
N SER A 409 12.61 -21.03 4.93
CA SER A 409 11.70 -21.24 6.04
C SER A 409 11.61 -22.73 6.34
N TYR A 410 11.63 -23.07 7.63
CA TYR A 410 11.50 -24.45 8.09
C TYR A 410 10.23 -24.56 8.93
N HIS A 411 9.19 -25.14 8.35
CA HIS A 411 7.86 -25.13 8.94
C HIS A 411 7.35 -26.56 9.06
N PRO A 412 6.35 -26.79 9.92
CA PRO A 412 5.84 -28.15 10.11
C PRO A 412 5.33 -28.79 8.83
N THR A 413 5.16 -30.11 8.84
CA THR A 413 4.59 -30.78 7.68
C THR A 413 3.09 -30.53 7.56
N ASN A 414 2.43 -30.22 8.68
CA ASN A 414 0.99 -29.98 8.68
C ASN A 414 0.68 -28.74 9.51
N THR A 415 -0.59 -28.34 9.46
CA THR A 415 -1.09 -27.25 10.29
C THR A 415 -1.97 -27.81 11.39
N CYS A 416 -2.41 -26.93 12.28
CA CYS A 416 -3.17 -27.36 13.44
C CYS A 416 -4.47 -28.05 13.06
N SER A 417 -4.98 -27.84 11.85
CA SER A 417 -6.25 -28.44 11.44
C SER A 417 -6.09 -29.85 10.90
N GLY A 418 -4.86 -30.30 10.63
CA GLY A 418 -4.62 -31.63 10.13
C GLY A 418 -4.31 -31.71 8.65
N THR A 419 -4.44 -30.61 7.92
CA THR A 419 -4.12 -30.60 6.50
C THR A 419 -2.66 -30.26 6.29
N LYS A 420 -2.17 -30.48 5.07
CA LYS A 420 -0.77 -30.23 4.78
C LYS A 420 -0.47 -28.74 4.83
N PHE A 421 0.80 -28.40 4.94
CA PHE A 421 1.23 -27.02 5.00
C PHE A 421 1.67 -26.55 3.62
N TYR A 422 0.99 -25.54 3.10
CA TYR A 422 1.33 -24.92 1.82
C TYR A 422 1.60 -23.44 2.03
N PRO A 423 2.80 -22.95 1.72
CA PRO A 423 3.04 -21.50 1.82
C PRO A 423 2.18 -20.73 0.83
N ALA A 424 1.86 -19.49 1.18
CA ALA A 424 1.08 -18.64 0.31
C ALA A 424 1.98 -17.91 -0.67
N THR A 425 2.55 -18.66 -1.61
CA THR A 425 3.47 -18.10 -2.59
C THR A 425 2.77 -17.93 -3.94
N GLN A 426 3.46 -17.28 -4.88
CA GLN A 426 2.94 -17.14 -6.22
C GLN A 426 2.71 -18.50 -6.86
N ALA A 427 3.60 -19.46 -6.58
CA ALA A 427 3.40 -20.82 -7.06
C ALA A 427 2.14 -21.46 -6.48
N ASN A 428 1.77 -21.10 -5.26
CA ASN A 428 0.57 -21.63 -4.63
C ASN A 428 -0.65 -20.75 -4.87
N ALA A 429 -0.51 -19.69 -5.66
CA ALA A 429 -1.66 -18.89 -6.05
C ALA A 429 -2.83 -19.73 -6.53
N SER A 430 -2.56 -20.92 -7.07
CA SER A 430 -3.63 -21.81 -7.52
C SER A 430 -4.49 -22.30 -6.37
N ARG A 431 -3.90 -22.56 -5.21
CA ARG A 431 -4.64 -22.90 -4.01
C ARG A 431 -5.12 -21.68 -3.24
N LEU A 432 -4.42 -20.56 -3.37
CA LEU A 432 -4.76 -19.34 -2.65
C LEU A 432 -6.01 -18.71 -3.26
N SER A 433 -6.89 -18.20 -2.40
CA SER A 433 -8.17 -17.69 -2.86
C SER A 433 -7.97 -16.60 -3.92
N ASP A 434 -9.00 -16.45 -4.77
CA ASP A 434 -8.90 -15.54 -5.90
C ASP A 434 -9.06 -14.07 -5.50
N ARG A 435 -9.63 -13.80 -4.33
CA ARG A 435 -9.77 -12.45 -3.81
C ARG A 435 -8.64 -12.09 -2.86
N ILE A 436 -7.47 -12.71 -3.03
CA ILE A 436 -6.28 -12.37 -2.27
C ILE A 436 -5.18 -12.11 -3.28
N ALA A 437 -5.06 -10.86 -3.72
CA ALA A 437 -4.19 -10.56 -4.84
C ALA A 437 -2.74 -10.72 -4.43
N ILE A 438 -1.92 -11.16 -5.38
CA ILE A 438 -0.49 -11.31 -5.20
C ILE A 438 0.20 -10.23 -6.03
N PHE A 439 1.04 -9.45 -5.38
CA PHE A 439 1.77 -8.42 -6.10
C PHE A 439 2.52 -9.04 -7.26
N ASN A 440 2.34 -8.47 -8.45
CA ASN A 440 2.76 -9.09 -9.69
C ASN A 440 4.19 -8.66 -10.01
N ASP A 441 5.15 -9.37 -9.44
CA ASP A 441 6.54 -9.13 -9.78
C ASP A 441 6.76 -9.27 -11.28
N GLY A 442 6.00 -10.15 -11.93
CA GLY A 442 6.16 -10.35 -13.36
C GLY A 442 5.91 -9.08 -14.15
N ILE A 443 4.75 -8.45 -13.93
CA ILE A 443 4.47 -7.21 -14.63
C ILE A 443 5.39 -6.10 -14.15
N ARG A 444 5.74 -6.09 -12.86
CA ARG A 444 6.64 -5.07 -12.36
C ARG A 444 7.96 -5.06 -13.13
N ASP A 445 8.58 -6.22 -13.27
CA ASP A 445 9.87 -6.27 -13.97
C ASP A 445 9.69 -6.18 -15.47
N GLY A 446 8.59 -6.69 -16.02
CA GLY A 446 8.32 -6.49 -17.43
C GLY A 446 8.23 -5.02 -17.78
N ILE A 447 7.61 -4.23 -16.91
CA ILE A 447 7.45 -2.81 -17.15
C ILE A 447 8.77 -2.08 -16.95
N LYS A 448 9.29 -2.09 -15.72
CA LYS A 448 10.38 -1.19 -15.39
C LYS A 448 11.71 -1.89 -15.10
N GLY A 449 11.75 -3.21 -15.04
CA GLY A 449 12.97 -3.93 -14.78
C GLY A 449 12.95 -4.63 -13.42
N SER A 450 13.86 -5.58 -13.28
CA SER A 450 13.97 -6.33 -12.03
C SER A 450 14.24 -5.37 -10.88
N ALA A 451 13.51 -5.53 -9.78
CA ALA A 451 13.70 -4.68 -8.62
C ALA A 451 15.05 -4.89 -7.96
N MET A 452 15.68 -6.06 -8.16
CA MET A 452 16.95 -6.34 -7.51
C MET A 452 18.03 -5.36 -7.92
N ASP A 453 17.96 -4.81 -9.13
CA ASP A 453 18.95 -3.84 -9.59
C ASP A 453 18.20 -2.57 -10.02
N ILE A 454 18.63 -1.42 -9.51
CA ILE A 454 17.98 -0.17 -9.87
C ILE A 454 18.23 0.18 -11.32
N SER A 455 19.43 -0.11 -11.83
CA SER A 455 19.82 0.27 -13.18
C SER A 455 19.33 -0.70 -14.24
N ASP A 456 18.64 -1.77 -13.85
CA ASP A 456 18.13 -2.72 -14.84
C ASP A 456 17.14 -2.04 -15.76
N VAL A 457 17.15 -2.46 -17.02
CA VAL A 457 16.32 -1.86 -18.07
C VAL A 457 15.11 -2.76 -18.30
N GLY A 458 13.92 -2.22 -18.04
CA GLY A 458 12.68 -2.90 -18.32
C GLY A 458 12.17 -2.59 -19.72
N PHE A 459 10.90 -2.92 -19.93
CA PHE A 459 10.32 -2.70 -21.26
C PHE A 459 10.30 -1.23 -21.62
N ILE A 460 9.81 -0.39 -20.71
CA ILE A 460 9.65 1.03 -21.01
C ILE A 460 10.96 1.66 -21.41
N GLN A 461 12.05 1.32 -20.71
CA GLN A 461 13.35 1.88 -21.01
C GLN A 461 13.90 1.42 -22.35
N GLY A 462 13.36 0.36 -22.94
CA GLY A 462 13.74 -0.08 -24.27
C GLY A 462 14.03 -1.57 -24.39
N SER A 463 13.83 -2.38 -23.35
CA SER A 463 14.15 -3.80 -23.41
C SER A 463 13.07 -4.52 -24.22
N LYS A 464 13.47 -5.11 -25.34
CA LYS A 464 12.51 -5.80 -26.20
C LYS A 464 12.01 -7.10 -25.55
N SER A 465 12.89 -7.80 -24.84
CA SER A 465 12.52 -9.11 -24.29
C SER A 465 11.42 -9.01 -23.25
N SER A 466 11.44 -7.97 -22.41
CA SER A 466 10.43 -7.82 -21.37
C SER A 466 9.04 -7.57 -21.93
N ALA A 467 8.93 -7.32 -23.24
CA ALA A 467 7.62 -7.17 -23.86
C ALA A 467 6.75 -8.37 -23.59
N LYS A 468 7.34 -9.56 -23.48
CA LYS A 468 6.56 -10.74 -23.10
C LYS A 468 5.95 -10.57 -21.71
N GLY A 469 6.75 -10.09 -20.76
CA GLY A 469 6.22 -9.84 -19.42
C GLY A 469 5.11 -8.81 -19.42
N VAL A 470 5.28 -7.73 -20.18
CA VAL A 470 4.25 -6.69 -20.24
C VAL A 470 2.98 -7.24 -20.87
N SER A 471 3.12 -8.00 -21.95
CA SER A 471 1.96 -8.53 -22.67
C SER A 471 1.21 -9.54 -21.82
N TYR A 472 1.92 -10.32 -21.00
CA TYR A 472 1.23 -11.24 -20.11
C TYR A 472 0.61 -10.52 -18.93
N GLY A 473 1.28 -9.48 -18.43
CA GLY A 473 0.74 -8.74 -17.29
C GLY A 473 -0.46 -7.88 -17.67
N VAL A 474 -0.59 -7.57 -18.96
CA VAL A 474 -1.78 -6.83 -19.41
C VAL A 474 -3.04 -7.58 -19.04
N ARG A 475 -2.94 -8.91 -18.92
CA ARG A 475 -4.07 -9.76 -18.56
C ARG A 475 -3.94 -10.31 -17.14
N ALA A 476 -3.12 -9.65 -16.31
CA ALA A 476 -2.95 -10.03 -14.91
C ALA A 476 -2.33 -11.40 -14.74
N ASN A 477 -1.60 -11.87 -15.77
CA ASN A 477 -1.02 -13.21 -15.78
C ASN A 477 -2.07 -14.29 -15.55
N SER A 478 -3.35 -13.95 -15.70
CA SER A 478 -4.42 -14.92 -15.53
C SER A 478 -4.75 -15.63 -16.82
N SER A 479 -4.13 -15.25 -17.93
CA SER A 479 -4.27 -15.93 -19.21
C SER A 479 -2.90 -16.45 -19.62
N GLY A 480 -2.71 -17.77 -19.49
CA GLY A 480 -1.42 -18.35 -19.75
C GLY A 480 -0.59 -18.43 -18.47
N THR A 481 0.72 -18.59 -18.66
CA THR A 481 1.65 -18.68 -17.55
C THR A 481 2.96 -18.02 -17.92
N TYR A 482 3.36 -17.01 -17.15
CA TYR A 482 4.70 -16.44 -17.24
C TYR A 482 5.20 -16.17 -15.84
N LYS A 483 5.99 -17.12 -15.32
CA LYS A 483 6.58 -17.06 -13.99
C LYS A 483 5.56 -17.30 -12.89
N TRP A 484 4.27 -17.26 -13.22
CA TRP A 484 3.19 -17.61 -12.31
C TRP A 484 1.87 -17.35 -13.03
N LYS A 485 0.78 -17.75 -12.40
CA LYS A 485 -0.55 -17.57 -12.96
C LYS A 485 -1.53 -17.17 -11.88
N ALA A 486 -2.56 -16.42 -12.26
CA ALA A 486 -3.59 -15.98 -11.35
C ALA A 486 -4.90 -16.69 -11.66
N GLN A 487 -5.61 -17.06 -10.60
CA GLN A 487 -6.94 -17.65 -10.80
C GLN A 487 -7.86 -16.67 -11.50
N ALA A 488 -7.60 -15.37 -11.34
CA ALA A 488 -8.35 -14.33 -12.01
C ALA A 488 -7.51 -13.06 -11.97
N PRO A 489 -7.90 -12.03 -12.72
CA PRO A 489 -7.22 -10.73 -12.53
C PRO A 489 -7.44 -10.14 -11.15
N SER A 490 -8.48 -10.59 -10.43
CA SER A 490 -8.69 -10.15 -9.06
C SER A 490 -7.64 -10.72 -8.12
N GLN A 491 -6.84 -11.68 -8.58
CA GLN A 491 -5.70 -12.20 -7.85
C GLN A 491 -4.39 -11.60 -8.33
N CYS A 492 -4.43 -10.37 -8.83
CA CYS A 492 -3.24 -9.69 -9.34
C CYS A 492 -3.35 -8.22 -8.98
N VAL A 493 -2.27 -7.67 -8.41
CA VAL A 493 -2.16 -6.24 -8.20
C VAL A 493 -1.21 -5.72 -9.27
N THR A 494 -1.78 -5.27 -10.38
CA THR A 494 -0.98 -4.70 -11.46
C THR A 494 -0.27 -3.47 -10.93
N TYR A 495 1.06 -3.52 -10.91
CA TYR A 495 1.85 -2.43 -10.36
C TYR A 495 3.27 -2.54 -10.89
N ASP A 496 4.01 -1.45 -10.76
CA ASP A 496 5.44 -1.46 -11.05
C ASP A 496 6.28 -0.81 -9.96
N ALA A 497 5.69 -0.32 -8.87
CA ALA A 497 6.45 0.30 -7.81
C ALA A 497 5.69 0.21 -6.51
N CYS A 498 6.43 0.23 -5.40
CA CYS A 498 5.87 0.33 -4.07
C CYS A 498 6.96 0.91 -3.17
N HIS A 499 6.75 0.83 -1.84
CA HIS A 499 7.73 1.39 -0.92
C HIS A 499 9.08 0.70 -1.07
N ASP A 500 9.08 -0.62 -1.21
CA ASP A 500 10.31 -1.39 -1.31
C ASP A 500 11.05 -1.04 -2.60
N ASN A 501 12.37 -1.20 -2.56
CA ASN A 501 13.22 -0.93 -3.70
C ASN A 501 13.04 0.50 -4.20
N ALA A 502 13.54 0.80 -5.39
CA ALA A 502 13.50 2.16 -5.90
C ALA A 502 12.12 2.48 -6.49
N THR A 503 11.91 3.78 -6.71
CA THR A 503 10.67 4.25 -7.31
C THR A 503 10.75 4.11 -8.84
N LEU A 504 9.59 4.29 -9.48
CA LEU A 504 9.53 4.20 -10.93
C LEU A 504 10.46 5.21 -11.59
N TYR A 505 10.36 6.48 -11.19
CA TYR A 505 11.21 7.50 -11.77
C TYR A 505 12.67 7.31 -11.39
N ASP A 506 12.93 6.79 -10.19
CA ASP A 506 14.30 6.48 -9.80
C ASP A 506 14.90 5.44 -10.73
N GLN A 507 14.17 4.34 -10.98
CA GLN A 507 14.66 3.31 -11.87
C GLN A 507 14.87 3.86 -13.28
N ILE A 508 13.92 4.66 -13.77
CA ILE A 508 14.02 5.20 -15.12
C ILE A 508 15.28 6.06 -15.25
N ILE A 509 15.46 6.99 -14.31
CA ILE A 509 16.62 7.89 -14.37
C ILE A 509 17.91 7.10 -14.23
N ALA A 510 17.95 6.14 -13.30
CA ALA A 510 19.18 5.39 -13.07
C ALA A 510 19.57 4.60 -14.31
N SER A 511 18.60 3.97 -14.96
CA SER A 511 18.91 3.15 -16.12
C SER A 511 19.24 3.99 -17.35
N THR A 512 18.57 5.14 -17.53
CA THR A 512 18.84 5.97 -18.69
C THR A 512 20.13 6.77 -18.57
N GLY A 513 20.45 7.28 -17.38
CA GLY A 513 21.65 8.07 -17.21
C GLY A 513 21.58 9.46 -17.81
N LEU A 514 20.37 9.99 -17.99
CA LEU A 514 20.21 11.29 -18.63
C LEU A 514 20.35 12.45 -17.65
N ALA A 515 20.00 12.26 -16.38
CA ALA A 515 20.06 13.33 -15.40
C ALA A 515 20.16 12.72 -14.01
N ASP A 516 20.28 13.60 -13.01
CA ASP A 516 20.30 13.17 -11.62
C ASP A 516 18.89 12.80 -11.16
N TYR A 517 18.83 12.07 -10.05
CA TYR A 517 17.54 11.58 -9.55
C TYR A 517 16.66 12.76 -9.15
N GLY A 518 15.36 12.63 -9.43
CA GLY A 518 14.41 13.68 -9.13
C GLY A 518 14.44 14.85 -10.08
N GLU A 519 15.55 15.09 -10.76
CA GLU A 519 15.63 16.17 -11.74
C GLU A 519 14.80 15.80 -12.98
N ARG A 520 13.97 16.74 -13.41
CA ARG A 520 13.04 16.46 -14.51
C ARG A 520 13.79 16.21 -15.81
N ASN A 521 13.38 15.16 -16.52
CA ASN A 521 13.91 14.83 -17.84
C ASN A 521 12.74 14.45 -18.74
N SER A 522 12.75 14.97 -19.97
CA SER A 522 11.61 14.77 -20.86
C SER A 522 11.46 13.31 -21.25
N GLU A 523 12.56 12.65 -21.60
CA GLU A 523 12.48 11.24 -21.99
C GLU A 523 12.03 10.36 -20.83
N ALA A 524 12.55 10.63 -19.64
CA ALA A 524 12.14 9.88 -18.46
C ALA A 524 10.66 10.12 -18.17
N VAL A 525 10.17 11.34 -18.38
CA VAL A 525 8.75 11.60 -18.17
C VAL A 525 7.92 10.86 -19.20
N LYS A 526 8.41 10.76 -20.44
CA LYS A 526 7.72 9.98 -21.45
C LYS A 526 7.62 8.51 -21.05
N MET A 527 8.73 7.95 -20.55
CA MET A 527 8.69 6.57 -20.09
C MET A 527 7.75 6.40 -18.91
N ASN A 528 7.71 7.38 -18.01
CA ASN A 528 6.79 7.33 -16.89
C ASN A 528 5.34 7.32 -17.35
N ARG A 529 5.01 8.18 -18.32
CA ARG A 529 3.66 8.18 -18.89
C ARG A 529 3.34 6.83 -19.53
N LEU A 530 4.31 6.27 -20.26
CA LEU A 530 4.07 4.98 -20.90
C LEU A 530 3.79 3.91 -19.85
N ALA A 531 4.56 3.92 -18.76
CA ALA A 531 4.35 2.94 -17.69
C ALA A 531 2.99 3.14 -17.03
N SER A 532 2.56 4.39 -16.87
CA SER A 532 1.22 4.64 -16.34
C SER A 532 0.16 4.06 -17.25
N ALA A 533 0.34 4.22 -18.56
CA ALA A 533 -0.59 3.62 -19.52
C ALA A 533 -0.60 2.11 -19.39
N ILE A 534 0.57 1.50 -19.25
CA ILE A 534 0.65 0.05 -19.12
C ILE A 534 -0.09 -0.41 -17.88
N ILE A 535 0.10 0.30 -16.76
CA ILE A 535 -0.55 -0.10 -15.51
C ILE A 535 -2.05 0.13 -15.56
N TYR A 536 -2.50 1.15 -16.30
CA TYR A 536 -3.88 1.56 -16.19
C TYR A 536 -4.75 1.11 -17.36
N THR A 537 -4.17 0.39 -18.33
CA THR A 537 -4.95 -0.32 -19.33
C THR A 537 -4.88 -1.84 -19.12
N SER A 538 -4.49 -2.28 -17.94
CA SER A 538 -4.31 -3.70 -17.63
C SER A 538 -5.41 -4.16 -16.70
N GLN A 539 -5.55 -5.49 -16.58
CA GLN A 539 -6.57 -6.06 -15.71
C GLN A 539 -6.05 -6.16 -14.28
N GLY A 540 -6.98 -6.28 -13.35
CA GLY A 540 -6.63 -6.43 -11.96
C GLY A 540 -6.72 -5.13 -11.17
N ILE A 541 -5.87 -5.05 -10.15
CA ILE A 541 -5.84 -3.87 -9.30
C ILE A 541 -4.70 -2.97 -9.74
N SER A 542 -5.02 -1.69 -9.96
CA SER A 542 -4.00 -0.69 -10.26
C SER A 542 -3.43 -0.18 -8.96
N PHE A 543 -2.11 -0.31 -8.81
CA PHE A 543 -1.41 0.04 -7.59
C PHE A 543 -0.25 0.95 -7.93
N THR A 544 -0.17 2.08 -7.23
CA THR A 544 0.86 3.07 -7.47
C THR A 544 1.46 3.52 -6.14
N LEU A 545 2.76 3.76 -6.15
CA LEU A 545 3.41 4.39 -5.01
C LEU A 545 2.86 5.81 -4.83
N ALA A 546 2.69 6.22 -3.58
CA ALA A 546 2.23 7.58 -3.33
C ALA A 546 3.23 8.56 -3.89
N GLY A 547 2.74 9.56 -4.62
CA GLY A 547 3.61 10.49 -5.30
C GLY A 547 4.28 9.93 -6.53
N GLU A 548 3.77 8.82 -7.08
CA GLU A 548 4.38 8.24 -8.28
C GLU A 548 4.03 9.07 -9.50
N GLU A 549 2.83 9.65 -9.55
CA GLU A 549 2.46 10.49 -10.68
C GLU A 549 3.39 11.69 -10.79
N MET A 550 3.74 12.31 -9.67
CA MET A 550 4.56 13.52 -9.67
C MET A 550 6.05 13.21 -9.74
N ALA A 551 6.42 12.01 -10.19
CA ALA A 551 7.82 11.63 -10.32
C ALA A 551 8.55 11.72 -8.99
N ARG A 552 8.04 10.99 -7.99
CA ARG A 552 8.68 10.96 -6.68
C ARG A 552 10.04 10.29 -6.75
N SER A 553 11.02 10.88 -6.09
CA SER A 553 12.39 10.37 -6.10
C SER A 553 12.94 10.34 -4.68
N LYS A 554 13.64 9.25 -4.36
CA LYS A 554 14.34 9.08 -3.10
C LYS A 554 15.83 9.37 -3.23
N ASP A 555 16.21 10.20 -4.20
CA ASP A 555 17.62 10.44 -4.50
C ASP A 555 18.31 9.14 -4.89
N GLY A 556 17.54 8.21 -5.47
CA GLY A 556 18.10 6.98 -5.99
C GLY A 556 18.35 5.90 -4.95
N ASP A 557 17.93 6.10 -3.71
CA ASP A 557 18.23 5.15 -2.65
C ASP A 557 17.39 3.89 -2.83
N THR A 558 18.06 2.77 -3.05
CA THR A 558 17.38 1.50 -3.31
C THR A 558 16.74 0.89 -2.07
N ASN A 559 17.15 1.32 -0.87
CA ASN A 559 16.57 0.82 0.37
C ASN A 559 16.54 1.99 1.36
N SER A 560 15.33 2.50 1.60
CA SER A 560 15.13 3.66 2.46
C SER A 560 14.34 3.33 3.72
N TYR A 561 14.42 2.11 4.23
CA TYR A 561 13.54 1.72 5.33
C TYR A 561 13.78 2.58 6.57
N LYS A 562 14.98 3.14 6.72
CA LYS A 562 15.26 4.03 7.84
C LYS A 562 16.13 5.21 7.45
N SER A 563 16.05 5.68 6.22
CA SER A 563 16.83 6.85 5.81
C SER A 563 16.17 8.13 6.32
N ALA A 564 16.78 9.25 5.98
CA ALA A 564 16.33 10.54 6.50
C ALA A 564 14.87 10.79 6.16
N ALA A 565 14.12 11.30 7.13
CA ALA A 565 12.72 11.63 6.89
C ALA A 565 12.58 12.69 5.82
N ASN A 566 13.52 13.64 5.76
CA ASN A 566 13.51 14.65 4.71
C ASN A 566 13.86 14.07 3.35
N LEU A 567 14.41 12.86 3.30
CA LEU A 567 14.65 12.20 2.03
C LEU A 567 13.48 11.33 1.62
N ASN A 568 12.78 10.74 2.60
CA ASN A 568 11.62 9.92 2.28
C ASN A 568 10.35 10.73 2.08
N MET A 569 10.31 11.97 2.55
CA MET A 569 9.10 12.77 2.45
C MET A 569 8.76 13.08 0.99
N ILE A 570 7.46 13.21 0.72
CA ILE A 570 6.99 13.61 -0.60
C ILE A 570 7.34 15.08 -0.79
N LYS A 571 8.10 15.38 -1.84
CA LYS A 571 8.45 16.76 -2.17
C LYS A 571 7.26 17.38 -2.90
N TRP A 572 6.47 18.16 -2.15
CA TRP A 572 5.21 18.65 -2.70
C TRP A 572 5.40 19.78 -3.70
N GLN A 573 6.64 20.16 -4.02
CA GLN A 573 6.85 21.06 -5.15
C GLN A 573 6.63 20.33 -6.46
N ASN A 574 6.50 18.99 -6.40
CA ASN A 574 6.38 18.18 -7.60
C ASN A 574 4.95 18.17 -8.14
N VAL A 575 3.97 18.61 -7.35
CA VAL A 575 2.62 18.78 -7.90
C VAL A 575 2.53 20.01 -8.79
N VAL A 576 3.55 20.86 -8.76
CA VAL A 576 3.63 22.02 -9.64
C VAL A 576 4.62 21.72 -10.75
N ASP A 577 5.80 21.21 -10.37
CA ASP A 577 6.83 20.92 -11.37
C ASP A 577 6.42 19.77 -12.28
N TYR A 578 5.53 18.87 -11.82
CA TYR A 578 5.08 17.73 -12.60
C TYR A 578 3.56 17.69 -12.69
N ALA A 579 2.95 18.84 -12.95
CA ALA A 579 1.49 18.89 -13.06
C ALA A 579 1.02 18.23 -14.34
N ASP A 580 1.84 18.26 -15.39
CA ASP A 580 1.50 17.54 -16.61
C ASP A 580 1.48 16.03 -16.38
N VAL A 581 2.46 15.50 -15.65
CA VAL A 581 2.48 14.06 -15.37
C VAL A 581 1.36 13.69 -14.42
N VAL A 582 1.08 14.55 -13.43
CA VAL A 582 -0.07 14.33 -12.56
C VAL A 582 -1.34 14.27 -13.38
N SER A 583 -1.47 15.15 -14.37
CA SER A 583 -2.67 15.17 -15.21
C SER A 583 -2.75 13.95 -16.12
N TYR A 584 -1.62 13.51 -16.66
CA TYR A 584 -1.62 12.28 -17.46
C TYR A 584 -2.09 11.09 -16.64
N TYR A 585 -1.57 10.96 -15.41
CA TYR A 585 -2.01 9.89 -14.53
C TYR A 585 -3.49 10.04 -14.19
N LYS A 586 -3.92 11.27 -13.92
CA LYS A 586 -5.30 11.52 -13.54
C LYS A 586 -6.26 11.22 -14.69
N GLY A 587 -5.78 11.31 -15.92
CA GLY A 587 -6.58 10.98 -17.08
C GLY A 587 -6.58 9.49 -17.37
N MET A 588 -5.42 8.85 -17.24
CA MET A 588 -5.37 7.40 -17.38
C MET A 588 -6.27 6.72 -16.36
N MET A 589 -6.38 7.30 -15.16
CA MET A 589 -7.30 6.77 -14.17
C MET A 589 -8.74 6.79 -14.69
N GLN A 590 -9.14 7.90 -15.31
CA GLN A 590 -10.48 7.99 -15.91
C GLN A 590 -10.63 6.99 -17.04
N ILE A 591 -9.58 6.83 -17.86
CA ILE A 591 -9.62 5.85 -18.95
C ILE A 591 -9.92 4.46 -18.40
N LYS A 592 -9.17 4.06 -17.36
CA LYS A 592 -9.36 2.74 -16.78
C LYS A 592 -10.73 2.60 -16.15
N SER A 593 -11.24 3.66 -15.53
CA SER A 593 -12.54 3.57 -14.88
C SER A 593 -13.69 3.62 -15.89
N ALA A 594 -13.41 4.06 -17.12
CA ALA A 594 -14.44 4.19 -18.13
C ALA A 594 -14.52 3.01 -19.08
N PHE A 595 -13.93 1.86 -18.74
CA PHE A 595 -13.91 0.71 -19.65
C PHE A 595 -13.93 -0.56 -18.81
N SER A 596 -15.04 -1.28 -18.86
CA SER A 596 -15.22 -2.48 -18.04
C SER A 596 -14.14 -3.54 -18.24
N PRO A 597 -13.66 -3.81 -19.45
CA PRO A 597 -12.59 -4.81 -19.59
C PRO A 597 -11.35 -4.51 -18.77
N LEU A 598 -11.07 -3.24 -18.51
CA LEU A 598 -9.89 -2.86 -17.75
C LEU A 598 -10.09 -3.01 -16.25
N THR A 599 -11.30 -3.34 -15.80
CA THR A 599 -11.58 -3.57 -14.40
C THR A 599 -12.34 -4.87 -14.17
N ALA A 600 -12.39 -5.76 -15.16
CA ALA A 600 -13.08 -7.03 -15.00
C ALA A 600 -12.43 -7.85 -13.90
N MET A 601 -13.26 -8.39 -13.00
CA MET A 601 -12.74 -9.26 -11.96
C MET A 601 -12.28 -10.60 -12.52
N ASP A 602 -13.10 -11.24 -13.34
CA ASP A 602 -12.88 -12.60 -13.81
C ASP A 602 -12.38 -12.59 -15.25
N ASN A 603 -12.18 -13.79 -15.79
CA ASN A 603 -11.53 -14.00 -17.08
C ASN A 603 -12.50 -13.87 -18.27
N SER A 604 -13.65 -13.23 -18.10
CA SER A 604 -14.60 -13.11 -19.20
C SER A 604 -14.01 -12.40 -20.40
N TYR A 605 -13.13 -11.42 -20.19
CA TYR A 605 -12.55 -10.64 -21.27
C TYR A 605 -11.15 -11.11 -21.65
N ALA A 606 -10.73 -12.29 -21.21
CA ALA A 606 -9.37 -12.74 -21.49
C ALA A 606 -9.19 -13.02 -22.98
N ASP A 607 -10.20 -13.57 -23.63
CA ASP A 607 -10.10 -13.95 -25.04
C ASP A 607 -10.37 -12.79 -25.99
N LYS A 608 -10.93 -11.68 -25.51
CA LYS A 608 -11.18 -10.53 -26.36
C LYS A 608 -9.90 -9.76 -26.69
N TYR A 609 -8.82 -10.00 -25.98
CA TYR A 609 -7.58 -9.24 -26.17
C TYR A 609 -6.90 -9.75 -27.43
N THR A 610 -7.34 -9.25 -28.58
CA THR A 610 -6.84 -9.69 -29.87
C THR A 610 -5.46 -9.08 -30.11
N PHE A 611 -4.44 -9.66 -29.48
CA PHE A 611 -3.09 -9.13 -29.60
C PHE A 611 -2.63 -9.18 -31.06
N THR A 612 -1.86 -8.16 -31.44
CA THR A 612 -1.36 -8.09 -32.81
C THR A 612 -0.26 -9.11 -33.05
N LYS A 613 0.69 -9.23 -32.12
CA LYS A 613 1.77 -10.18 -32.20
C LYS A 613 1.57 -11.29 -31.17
N LYS A 614 2.46 -12.29 -31.22
CA LYS A 614 2.45 -13.32 -30.20
C LYS A 614 2.71 -12.71 -28.83
N VAL A 615 2.01 -13.22 -27.82
CA VAL A 615 2.25 -12.75 -26.45
C VAL A 615 3.68 -13.01 -26.04
N SER A 616 4.30 -14.05 -26.61
CA SER A 616 5.68 -14.40 -26.27
C SER A 616 6.71 -13.70 -27.14
N ALA A 617 6.28 -12.81 -28.03
CA ALA A 617 7.19 -12.20 -28.99
C ALA A 617 8.02 -11.10 -28.34
N SER A 618 9.31 -11.08 -28.65
CA SER A 618 10.18 -9.97 -28.26
C SER A 618 9.97 -8.83 -29.25
N THR A 619 9.08 -7.91 -28.92
CA THR A 619 8.69 -6.87 -29.85
C THR A 619 8.88 -5.50 -29.21
N ASN A 620 9.27 -4.53 -30.03
CA ASN A 620 9.46 -3.17 -29.56
C ASN A 620 8.10 -2.50 -29.34
N GLN A 621 7.15 -2.74 -30.22
CA GLN A 621 5.81 -2.15 -30.16
C GLN A 621 4.79 -3.22 -29.79
N ILE A 622 4.26 -3.14 -28.58
CA ILE A 622 3.14 -4.00 -28.18
C ILE A 622 1.85 -3.35 -28.66
N SER A 623 0.86 -4.16 -29.00
CA SER A 623 -0.43 -3.66 -29.40
C SER A 623 -1.49 -4.73 -29.18
N PHE A 624 -2.73 -4.29 -29.03
CA PHE A 624 -3.85 -5.20 -28.89
C PHE A 624 -5.14 -4.40 -28.93
N THR A 625 -6.26 -5.10 -28.85
CA THR A 625 -7.58 -4.49 -28.84
C THR A 625 -8.50 -5.29 -27.93
N ILE A 626 -9.49 -4.61 -27.36
CA ILE A 626 -10.38 -5.20 -26.37
C ILE A 626 -11.81 -5.00 -26.85
N GLN A 627 -12.51 -6.11 -27.09
CA GLN A 627 -13.91 -6.05 -27.49
C GLN A 627 -14.80 -5.99 -26.24
N ASN A 628 -15.19 -4.78 -25.86
CA ASN A 628 -16.11 -4.58 -24.75
C ASN A 628 -17.51 -5.01 -25.15
N ASP A 629 -18.25 -5.54 -24.18
CA ASP A 629 -19.62 -5.98 -24.42
C ASP A 629 -20.64 -5.32 -23.51
N VAL A 630 -20.21 -4.51 -22.54
CA VAL A 630 -21.14 -3.85 -21.64
C VAL A 630 -21.89 -2.74 -22.38
N GLU A 631 -23.19 -2.65 -22.13
CA GLU A 631 -24.01 -1.63 -22.78
C GLU A 631 -23.66 -0.24 -22.26
N GLY A 632 -23.80 0.76 -23.14
CA GLY A 632 -23.59 2.14 -22.74
C GLY A 632 -22.14 2.53 -22.57
N GLU A 633 -21.22 1.82 -23.18
CA GLU A 633 -19.79 2.10 -23.05
C GLU A 633 -19.12 1.89 -24.40
N TRP A 634 -17.85 2.27 -24.47
CA TRP A 634 -17.08 2.10 -25.70
C TRP A 634 -17.10 0.63 -26.09
N ASN A 635 -17.26 0.38 -27.40
CA ASN A 635 -17.39 -0.99 -27.88
C ASN A 635 -16.04 -1.63 -28.19
N LYS A 636 -15.02 -0.83 -28.45
CA LYS A 636 -13.69 -1.37 -28.71
C LYS A 636 -12.66 -0.32 -28.35
N MET A 637 -11.46 -0.79 -28.03
CA MET A 637 -10.32 0.06 -27.80
C MET A 637 -9.08 -0.60 -28.39
N ALA A 638 -8.17 0.23 -28.88
CA ALA A 638 -6.84 -0.21 -29.26
C ALA A 638 -5.88 0.31 -28.20
N VAL A 639 -4.70 -0.28 -28.13
CA VAL A 639 -3.65 0.15 -27.23
C VAL A 639 -2.33 -0.25 -27.85
N ILE A 640 -1.39 0.68 -27.92
CA ILE A 640 -0.12 0.44 -28.60
C ILE A 640 1.01 1.06 -27.78
N TYR A 641 1.76 0.23 -27.08
CA TYR A 641 2.94 0.66 -26.34
C TYR A 641 4.12 0.64 -27.30
N ASN A 642 4.62 1.81 -27.65
CA ASN A 642 5.77 1.93 -28.53
C ASN A 642 6.94 2.43 -27.70
N ASN A 643 7.80 1.50 -27.27
CA ASN A 643 8.98 1.85 -26.48
C ASN A 643 10.18 2.18 -27.37
N ALA A 644 9.97 2.49 -28.64
CA ALA A 644 11.08 2.75 -29.54
C ALA A 644 11.51 4.20 -29.47
N THR A 645 12.78 4.45 -29.84
CA THR A 645 13.30 5.80 -29.84
C THR A 645 12.75 6.66 -30.97
N THR A 646 12.05 6.05 -31.94
CA THR A 646 11.47 6.77 -33.05
C THR A 646 10.05 6.26 -33.29
N ALA A 647 9.21 7.15 -33.79
CA ALA A 647 7.82 6.79 -34.04
C ALA A 647 7.73 5.64 -35.04
N ALA A 648 6.80 4.72 -34.80
CA ALA A 648 6.64 3.54 -35.63
C ALA A 648 5.17 3.32 -35.92
N ASP A 649 4.87 2.97 -37.17
CA ASP A 649 3.51 2.66 -37.57
C ASP A 649 3.18 1.23 -37.15
N VAL A 650 2.06 1.06 -36.46
CA VAL A 650 1.64 -0.23 -35.92
C VAL A 650 0.30 -0.59 -36.56
N THR A 651 0.25 -1.76 -37.18
CA THR A 651 -0.94 -2.23 -37.86
C THR A 651 -1.64 -3.24 -36.96
N LEU A 652 -2.94 -3.03 -36.73
CA LEU A 652 -3.70 -3.92 -35.87
C LEU A 652 -4.12 -5.16 -36.64
N SER A 653 -3.82 -6.34 -36.08
CA SER A 653 -4.28 -7.58 -36.69
C SER A 653 -5.80 -7.68 -36.65
N ASP A 654 -6.44 -6.94 -35.74
CA ASP A 654 -7.90 -6.87 -35.69
C ASP A 654 -8.33 -5.69 -36.55
N THR A 655 -8.90 -5.98 -37.71
CA THR A 655 -9.33 -4.97 -38.66
C THR A 655 -10.85 -4.85 -38.73
N SER A 656 -11.56 -5.29 -37.69
CA SER A 656 -13.02 -5.18 -37.68
C SER A 656 -13.50 -3.75 -37.48
N VAL A 657 -12.67 -2.87 -36.94
CA VAL A 657 -13.01 -1.47 -36.74
C VAL A 657 -11.95 -0.62 -37.41
N THR A 658 -12.38 0.28 -38.31
CA THR A 658 -11.46 1.08 -39.09
C THR A 658 -11.52 2.57 -38.76
N ASP A 659 -12.52 3.02 -38.00
CA ASP A 659 -12.62 4.41 -37.58
C ASP A 659 -12.40 4.51 -36.08
N TRP A 660 -11.53 5.42 -35.67
CA TRP A 660 -11.05 5.49 -34.29
C TRP A 660 -11.02 6.93 -33.81
N VAL A 661 -11.08 7.09 -32.48
CA VAL A 661 -11.01 8.39 -31.83
C VAL A 661 -9.99 8.28 -30.71
N VAL A 662 -8.77 8.74 -30.96
CA VAL A 662 -7.72 8.66 -29.95
C VAL A 662 -8.20 9.32 -28.67
N ILE A 663 -7.84 8.75 -27.52
CA ILE A 663 -8.19 9.33 -26.24
C ILE A 663 -6.94 9.41 -25.35
N ALA A 664 -5.80 8.98 -25.87
CA ALA A 664 -4.54 9.17 -25.19
C ALA A 664 -3.42 9.12 -26.22
N ASN A 665 -2.28 9.69 -25.86
CA ASN A 665 -1.14 9.72 -26.76
C ASN A 665 0.08 10.18 -25.96
N GLY A 666 1.20 10.42 -26.65
CA GLY A 666 2.44 10.73 -25.96
C GLY A 666 2.44 12.08 -25.29
N GLU A 667 1.41 12.89 -25.49
CA GLU A 667 1.36 14.25 -24.97
C GLU A 667 0.34 14.43 -23.86
N THR A 668 -0.88 13.94 -24.05
CA THR A 668 -1.92 14.07 -23.04
C THR A 668 -2.80 12.83 -23.08
N ALA A 669 -3.43 12.56 -21.93
CA ALA A 669 -4.31 11.41 -21.80
C ALA A 669 -5.58 11.85 -21.12
N GLY A 670 -6.67 11.16 -21.41
CA GLY A 670 -7.94 11.51 -20.81
C GLY A 670 -9.10 10.82 -21.49
N LEU A 671 -10.28 11.42 -21.37
CA LEU A 671 -11.50 10.91 -21.99
C LEU A 671 -11.97 11.75 -23.17
N ASP A 672 -11.15 12.67 -23.66
CA ASP A 672 -11.55 13.56 -24.73
C ASP A 672 -10.80 13.25 -26.02
N SER A 673 -11.50 13.35 -27.14
CA SER A 673 -10.91 13.05 -28.43
C SER A 673 -9.69 13.90 -28.68
N LEU A 674 -8.53 13.26 -28.77
CA LEU A 674 -7.28 13.92 -29.14
C LEU A 674 -7.01 13.81 -30.63
N GLY A 675 -7.97 13.32 -31.41
CA GLY A 675 -7.79 13.16 -32.83
C GLY A 675 -8.66 12.06 -33.40
N GLU A 676 -8.35 11.60 -34.61
CA GLU A 676 -9.04 10.50 -35.24
C GLU A 676 -8.12 9.82 -36.25
N VAL A 677 -8.32 8.52 -36.43
CA VAL A 677 -7.53 7.72 -37.36
C VAL A 677 -8.46 6.87 -38.20
N THR A 678 -8.17 6.79 -39.49
CA THR A 678 -8.92 5.96 -40.42
C THR A 678 -8.14 4.67 -40.69
N GLY A 679 -8.86 3.61 -41.04
CA GLY A 679 -8.23 2.31 -41.18
C GLY A 679 -7.84 1.75 -39.82
N SER A 680 -6.82 0.90 -39.82
CA SER A 680 -6.31 0.29 -38.61
C SER A 680 -4.79 0.37 -38.56
N THR A 681 -4.23 1.52 -38.90
CA THR A 681 -2.80 1.78 -38.78
C THR A 681 -2.60 3.07 -37.99
N PHE A 682 -1.83 2.98 -36.91
CA PHE A 682 -1.61 4.09 -36.00
C PHE A 682 -0.13 4.45 -36.01
N THR A 683 0.16 5.73 -36.23
CA THR A 683 1.52 6.22 -36.03
C THR A 683 1.71 6.58 -34.56
N VAL A 684 2.50 5.77 -33.87
CA VAL A 684 2.70 5.90 -32.42
C VAL A 684 4.02 6.62 -32.19
N PRO A 685 4.04 7.70 -31.40
CA PRO A 685 5.31 8.39 -31.15
C PRO A 685 6.27 7.55 -30.34
N ALA A 686 7.52 8.00 -30.29
CA ALA A 686 8.56 7.26 -29.60
C ALA A 686 8.30 7.21 -28.10
N ARG A 687 8.59 6.05 -27.50
CA ARG A 687 8.53 5.88 -26.05
C ARG A 687 7.17 6.32 -25.50
N SER A 688 6.14 6.22 -26.33
CA SER A 688 4.83 6.74 -26.00
C SER A 688 3.77 5.70 -26.28
N ALA A 689 2.67 5.79 -25.53
CA ALA A 689 1.54 4.92 -25.74
C ALA A 689 0.50 5.62 -26.61
N ILE A 690 -0.38 4.81 -27.20
CA ILE A 690 -1.58 5.30 -27.87
C ILE A 690 -2.75 4.46 -27.38
N VAL A 691 -3.83 5.13 -27.03
CA VAL A 691 -5.09 4.48 -26.70
C VAL A 691 -6.14 5.09 -27.60
N ALA A 692 -6.93 4.23 -28.25
CA ALA A 692 -7.97 4.69 -29.15
C ALA A 692 -9.28 4.05 -28.71
N VAL A 693 -10.34 4.38 -29.44
CA VAL A 693 -11.64 3.76 -29.24
C VAL A 693 -12.39 3.80 -30.56
N ASP A 694 -13.39 2.93 -30.69
CA ASP A 694 -14.20 2.93 -31.89
C ASP A 694 -15.05 4.19 -31.95
N LYS A 695 -15.18 4.77 -33.14
CA LYS A 695 -15.90 6.03 -33.28
C LYS A 695 -17.37 5.87 -32.93
N ALA A 696 -18.01 4.81 -33.42
CA ALA A 696 -19.44 4.63 -33.16
C ALA A 696 -19.71 4.50 -31.67
N GLY A 697 -18.92 3.68 -30.98
CA GLY A 697 -19.10 3.51 -29.55
C GLY A 697 -18.84 4.79 -28.79
N TYR A 698 -17.79 5.52 -29.17
CA TYR A 698 -17.50 6.79 -28.52
C TYR A 698 -18.67 7.75 -28.65
N GLU A 699 -19.23 7.86 -29.85
CA GLU A 699 -20.31 8.80 -30.07
C GLU A 699 -21.60 8.35 -29.36
N SER A 700 -21.85 7.05 -29.30
CA SER A 700 -23.08 6.55 -28.70
C SER A 700 -23.04 6.52 -27.17
N ALA A 701 -21.86 6.31 -26.58
CA ALA A 701 -21.79 6.16 -25.13
C ALA A 701 -21.99 7.48 -24.40
N GLY A 702 -21.38 8.55 -24.90
CA GLY A 702 -21.50 9.84 -24.25
C GLY A 702 -20.51 10.09 -23.12
N ILE A 703 -19.52 9.22 -22.96
CA ILE A 703 -18.50 9.46 -21.94
C ILE A 703 -17.60 10.60 -22.41
N HIS A 704 -17.44 11.61 -21.56
CA HIS A 704 -16.72 12.81 -21.95
C HIS A 704 -16.10 13.43 -20.71
N SER A 705 -14.91 13.99 -20.88
CA SER A 705 -14.13 14.51 -19.77
C SER A 705 -14.67 15.85 -19.31
N SER A 706 -15.02 15.95 -18.04
CA SER A 706 -15.48 17.20 -17.46
C SER A 706 -14.34 18.07 -16.93
N LYS A 707 -13.10 17.62 -17.07
CA LYS A 707 -11.95 18.38 -16.57
C LYS A 707 -11.56 19.48 -17.54
N GLY A 708 -11.23 20.64 -16.99
CA GLY A 708 -10.66 21.70 -17.79
C GLY A 708 -9.27 21.35 -18.26
N LYS A 709 -8.69 22.23 -19.07
CA LYS A 709 -7.39 21.97 -19.66
C LYS A 709 -6.61 23.27 -19.84
N VAL A 710 -5.30 23.13 -19.94
CA VAL A 710 -4.38 24.22 -20.22
C VAL A 710 -3.25 23.67 -21.07
N LYS A 711 -2.85 24.39 -22.10
CA LYS A 711 -1.74 24.00 -22.96
C LYS A 711 -0.62 25.02 -22.82
N VAL A 712 0.55 24.54 -22.39
CA VAL A 712 1.68 25.40 -22.08
C VAL A 712 2.75 25.18 -23.13
N ASN A 713 2.88 26.11 -24.07
CA ASN A 713 3.87 26.03 -25.12
C ASN A 713 5.16 26.68 -24.64
N TYR A 714 6.24 26.41 -25.37
CA TYR A 714 7.56 26.96 -25.04
C TYR A 714 8.20 27.39 -26.36
N VAL A 715 7.98 28.65 -26.73
CA VAL A 715 8.25 29.15 -28.07
C VAL A 715 9.45 30.08 -28.04
N TYR A 716 10.47 29.75 -28.83
CA TYR A 716 11.52 30.72 -29.15
C TYR A 716 10.89 31.89 -29.89
N GLU A 717 10.89 33.07 -29.26
CA GLU A 717 10.12 34.19 -29.77
C GLU A 717 10.56 34.66 -31.15
N ALA A 718 11.86 34.72 -31.40
CA ALA A 718 12.35 35.34 -32.63
C ALA A 718 11.91 34.62 -33.89
N THR A 719 11.56 33.33 -33.80
CA THR A 719 11.24 32.54 -34.99
C THR A 719 9.94 31.76 -34.91
N GLY A 720 9.32 31.62 -33.75
CA GLY A 720 8.12 30.83 -33.62
C GLY A 720 8.37 29.34 -33.43
N GLU A 721 9.59 28.88 -33.63
CA GLU A 721 9.92 27.47 -33.39
C GLU A 721 9.85 27.19 -31.90
N LYS A 722 9.66 25.91 -31.56
CA LYS A 722 9.52 25.49 -30.18
C LYS A 722 10.86 25.01 -29.63
N LEU A 723 11.30 25.62 -28.53
CA LEU A 723 12.49 25.14 -27.84
C LEU A 723 12.25 23.79 -27.16
N GLU A 724 11.02 23.56 -26.70
CA GLU A 724 10.68 22.32 -26.03
C GLU A 724 9.21 22.02 -26.31
N ASP A 725 8.85 20.75 -26.19
CA ASP A 725 7.50 20.33 -26.54
C ASP A 725 6.49 20.95 -25.58
N SER A 726 5.26 21.12 -26.08
CA SER A 726 4.17 21.60 -25.25
C SER A 726 3.73 20.51 -24.28
N VAL A 727 3.13 20.93 -23.16
CA VAL A 727 2.61 20.02 -22.16
C VAL A 727 1.21 20.47 -21.78
N ILE A 728 0.32 19.51 -21.65
CA ILE A 728 -1.08 19.76 -21.29
C ILE A 728 -1.25 19.52 -19.80
N LEU A 729 -1.76 20.51 -19.10
CA LEU A 729 -2.21 20.37 -17.72
C LEU A 729 -3.70 20.06 -17.72
N GLN A 730 -4.19 19.57 -16.58
CA GLN A 730 -5.59 19.21 -16.45
C GLN A 730 -6.01 19.34 -15.00
N GLY A 731 -7.32 19.43 -14.79
CA GLY A 731 -7.86 19.52 -13.44
C GLY A 731 -9.35 19.74 -13.51
N SER A 732 -9.98 19.63 -12.34
CA SER A 732 -11.41 19.85 -12.26
C SER A 732 -11.73 21.31 -12.61
N VAL A 733 -12.92 21.52 -13.16
CA VAL A 733 -13.34 22.89 -13.46
C VAL A 733 -13.63 23.60 -12.15
N GLY A 734 -13.03 24.79 -11.99
CA GLY A 734 -13.13 25.54 -10.76
C GLY A 734 -11.94 25.40 -9.83
N SER A 735 -11.03 24.48 -10.10
CA SER A 735 -9.84 24.32 -9.28
C SER A 735 -8.68 25.13 -9.86
N GLY A 736 -7.74 25.46 -8.99
CA GLY A 736 -6.63 26.31 -9.39
C GLY A 736 -5.55 25.55 -10.12
N TYR A 737 -4.50 26.27 -10.47
CA TYR A 737 -3.35 25.65 -11.11
C TYR A 737 -2.21 26.65 -11.15
N VAL A 738 -1.04 26.17 -11.53
CA VAL A 738 0.15 26.99 -11.70
C VAL A 738 1.03 26.35 -12.75
N THR A 739 1.52 27.16 -13.68
CA THR A 739 2.35 26.70 -14.76
C THR A 739 3.73 27.33 -14.64
N VAL A 740 4.75 26.57 -15.04
CA VAL A 740 6.14 27.00 -14.84
C VAL A 740 6.92 26.73 -16.11
N PRO A 741 8.01 27.48 -16.30
CA PRO A 741 8.92 27.15 -17.41
C PRO A 741 9.43 25.74 -17.28
N SER A 742 9.54 25.05 -18.40
CA SER A 742 9.98 23.66 -18.39
C SER A 742 11.43 23.60 -17.90
N ALA A 743 11.70 22.68 -16.98
CA ALA A 743 13.02 22.58 -16.38
C ALA A 743 14.08 22.10 -17.36
N VAL A 744 13.68 21.60 -18.54
CA VAL A 744 14.64 21.02 -19.46
C VAL A 744 15.20 22.04 -20.45
N ILE A 745 14.58 23.20 -20.60
CA ILE A 745 15.08 24.22 -21.53
C ILE A 745 16.44 24.68 -21.01
N PRO A 746 17.47 24.76 -21.86
CA PRO A 746 18.79 25.15 -21.37
C PRO A 746 18.75 26.49 -20.63
N ASP A 747 19.78 26.72 -19.82
CA ASP A 747 19.89 27.96 -19.06
C ASP A 747 20.22 29.16 -19.94
N THR A 748 20.64 28.94 -21.18
CA THR A 748 20.98 30.02 -22.10
C THR A 748 19.76 30.75 -22.64
N TYR A 749 18.55 30.35 -22.25
CA TYR A 749 17.32 31.00 -22.67
C TYR A 749 16.63 31.60 -21.47
N ILE A 750 16.06 32.79 -21.66
CA ILE A 750 15.38 33.52 -20.61
C ILE A 750 13.99 33.90 -21.10
N VAL A 751 12.99 33.59 -20.28
CA VAL A 751 11.61 33.95 -20.60
C VAL A 751 11.53 35.47 -20.75
N SER A 752 11.19 35.93 -21.95
CA SER A 752 11.03 37.36 -22.18
C SER A 752 9.59 37.81 -21.96
N ARG A 753 8.63 36.93 -22.25
CA ARG A 753 7.23 37.26 -22.08
C ARG A 753 6.48 35.97 -21.80
N ILE A 754 5.29 36.11 -21.23
CA ILE A 754 4.41 34.98 -20.94
C ILE A 754 2.98 35.39 -21.31
N GLY A 755 2.44 34.74 -22.34
CA GLY A 755 1.05 34.99 -22.71
C GLY A 755 0.09 34.19 -21.83
N GLY A 756 -1.19 34.54 -21.95
CA GLY A 756 -2.21 33.84 -21.20
C GLY A 756 -2.00 33.98 -19.70
N ASN A 757 -2.85 33.27 -18.96
CA ASN A 757 -2.80 33.27 -17.50
C ASN A 757 -1.75 32.25 -17.06
N ALA A 758 -0.59 32.73 -16.61
CA ALA A 758 0.44 31.83 -16.11
C ALA A 758 0.02 31.13 -14.83
N GLU A 759 -1.06 31.58 -14.21
CA GLU A 759 -1.68 30.89 -13.09
C GLU A 759 -3.16 31.25 -13.08
N GLY A 760 -3.96 30.43 -12.43
CA GLY A 760 -5.38 30.71 -12.39
C GLY A 760 -6.24 29.54 -12.00
N LYS A 761 -7.27 29.27 -12.80
CA LYS A 761 -8.19 28.18 -12.55
C LYS A 761 -8.52 27.50 -13.87
N TYR A 762 -9.11 26.31 -13.79
CA TYR A 762 -9.46 25.58 -14.99
C TYR A 762 -10.90 25.86 -15.38
N THR A 763 -11.09 26.48 -16.54
CA THR A 763 -12.42 26.76 -17.06
C THR A 763 -12.81 25.68 -18.07
N SER A 764 -14.12 25.42 -18.14
CA SER A 764 -14.60 24.34 -19.00
C SER A 764 -14.06 24.47 -20.42
N ASP A 765 -14.01 25.68 -20.96
CA ASP A 765 -13.37 25.90 -22.26
C ASP A 765 -11.86 25.95 -22.09
N MET A 766 -11.16 25.33 -23.04
CA MET A 766 -9.71 25.20 -22.93
C MET A 766 -9.04 26.56 -22.90
N GLN A 767 -7.92 26.63 -22.18
CA GLN A 767 -7.09 27.83 -22.10
C GLN A 767 -5.72 27.53 -22.68
N GLU A 768 -4.82 28.49 -22.56
CA GLU A 768 -3.48 28.35 -23.11
C GLU A 768 -2.54 29.31 -22.40
N VAL A 769 -1.25 28.99 -22.46
CA VAL A 769 -0.17 29.79 -21.90
C VAL A 769 1.05 29.54 -22.76
N THR A 770 1.80 30.59 -23.08
CA THR A 770 2.95 30.47 -23.97
C THR A 770 4.13 31.18 -23.34
N TYR A 771 5.20 30.43 -23.08
CA TYR A 771 6.43 31.00 -22.55
C TYR A 771 7.36 31.34 -23.70
N TYR A 772 7.48 32.62 -24.02
CA TYR A 772 8.35 33.09 -25.10
C TYR A 772 9.75 33.24 -24.56
N TYR A 773 10.75 32.93 -25.39
CA TYR A 773 12.14 32.86 -24.96
C TYR A 773 13.02 33.71 -25.86
N THR A 774 14.20 34.06 -25.34
CA THR A 774 15.20 34.79 -26.09
C THR A 774 16.58 34.40 -25.60
N ASP A 775 17.60 34.92 -26.27
CA ASP A 775 18.98 34.61 -25.89
C ASP A 775 19.30 35.19 -24.52
N TYR A 776 20.19 34.50 -23.81
CA TYR A 776 20.63 34.94 -22.49
C TYR A 776 22.00 34.35 -22.19
N ILE A 777 22.74 35.04 -21.33
CA ILE A 777 24.06 34.61 -20.89
C ILE A 777 23.96 34.29 -19.40
N PRO A 778 24.04 33.02 -18.98
CA PRO A 778 23.93 32.72 -17.55
C PRO A 778 25.15 33.14 -16.75
#